data_9MMR
#
_entry.id   9MMR
#
_cell.length_a   1.00
_cell.length_b   1.00
_cell.length_c   1.00
_cell.angle_alpha   90.00
_cell.angle_beta   90.00
_cell.angle_gamma   90.00
#
_symmetry.space_group_name_H-M   'P 1'
#
loop_
_entity.id
_entity.type
_entity.pdbx_description
1 polymer 'RAF proto-oncogene serine/threonine-protein kinase'
2 polymer 'Dual specificity mitogen-activated protein kinase kinase 1'
3 polymer '14-3-3 protein zeta'
4 non-polymer 'PHOSPHOTHIOPHOSPHORIC ACID-ADENYLATE ESTER'
5 non-polymer 'MAGNESIUM ION'
6 non-polymer 5-[(2-fluoro-4-iodophenyl)amino]-N-(2-hydroxyethoxy)imidazo[1,5-a]pyridine-6-carboxamide
#
loop_
_entity_poly.entity_id
_entity_poly.type
_entity_poly.pdbx_seq_one_letter_code
_entity_poly.pdbx_strand_id
1 'polypeptide(L)'
;MGSSHHHHHHSAVDENLYFQGGMEHIQGAWKTISNGFGFKDAVFDGSSCISPTIVQQFGYQRRASDDGKLTDPSKTSNTI
RVFLPNKQRTVVNVRNGMSLHDCLMKALKVRGLQPECCAVFRLLHEHKGKKARLDWNTDAASLIGEELQVDFLDHVPLTT
HNFARKTFLKLAFCDICRKFLLNGFRCQTCGYKFHEHCSTKVPTMCVDWSNIRQLLLFPNSTIGDSGVPALPSLTMRRMR
ESVSRMPVSSQHRYSTPHAFTFNTSSPSSEGSLSQRQRSTSTPNVHMVSTTLPVDSRMIEDAIRSHSESASPSALSSSPN
NLSPTGWSQPKTPVPAQRERAPVSGTQEKNKIRPRGQRDSSDDWEIEASEVMLSTRIGSGSFGTVYKGKWHGDVAVKILK
VVDPTPEQFQAFRNEVAVLRKTRHVNILLFMGYMTKDNLAIVTQWCEGSSLYKHLHVQETKFQMFQLIDIARQTAQGMDY
LHAKNIIHRDMKSNNIFLHEGLTVKIGDFGLATVKSRWSGSQQVEQPTGSVLWMAPEVIRMQDNNPFSFQSDVYSYGIVL
YELMTGELPYSHINNRDQIIFMVGRGYASPDLSKLYKNCPKAMKRLVAECVKKVKEERPLFPQILSSIELLQHSLPKINR
SA(SEP)EPSLHRAAHTEDINACTLTTSPRLPVFVPAWSHPQFEK
;
A
2 'polypeptide(L)'
;MGSSHHHHHHSAVDENLYFQGGMPKKKPTPIQLNPAPDGSAVNGTSSAETNLEALQKKLEELELDEQQRKRLEAFLTQKQ
KVGELKDDDFEKISELGAGNGGVVFKVSHKPSGLVMARKLIHLEIKPAIRNQIIRELQVLHECNSPYIVGFYGAFYSDGE
ISICMEHMDGGSLDQVLKKAGRIPEQILGKVSIAVIKGLTYLREKHKIMHRDVKPSNILVNSRGEIKLCDFGVSGQLIDA
MANAFVGTRSYMSPERLQGTHYSVQSDIWSMGLSLVEMAVGRYPIPPPDAKELELMFGCQVEGDAAETPPRPRTPGRPLS
SYGMDSRPPMAIFELLDYIVNEPPPKLPSGVFSLEFQDFVNKCLIKNPAERADLKQLMVHAFIKRSDAEEVDFAGWLCST
IGLNQPSTPTHAAGV
;
B
3 'polypeptide(L)'
;MSVDKEELVQRAKLAEQAERYDDMAAAMKEVTETGVELSNEERNLLSVAYKNVVGARRSSWRVISSIEQKTEGSERKQQM
AKEYRVKVEKELREICYDVLGLLDKHLIPKASNPESKVFYLKMKGDYYRYLAEVATGETRNSVVEDSQKAYQDAFEISKA
KMQPTHPIRLGLALNFSVFYYEILNSPDKACQLAKQAFDDAIAELDTLNEDSYKDSTLIMQLLRDNLTLWTSDTQGDGDE
PAEGGDN
;
C,D
#
# COMPACT_ATOMS: atom_id res chain seq x y z
N GLU A 365 -11.44 11.13 -42.08
CA GLU A 365 -11.25 12.14 -41.04
C GLU A 365 -12.58 12.81 -40.72
N ILE A 366 -12.52 13.86 -39.89
CA ILE A 366 -13.72 14.60 -39.48
C ILE A 366 -13.41 16.10 -39.52
N GLU A 367 -14.37 16.89 -39.98
CA GLU A 367 -14.18 18.34 -40.05
C GLU A 367 -14.22 18.94 -38.65
N ALA A 368 -13.23 19.78 -38.34
CA ALA A 368 -13.16 20.37 -37.01
C ALA A 368 -14.31 21.34 -36.76
N SER A 369 -14.83 21.97 -37.81
CA SER A 369 -15.94 22.90 -37.63
C SER A 369 -17.17 22.18 -37.07
N GLU A 370 -17.33 20.89 -37.40
CA GLU A 370 -18.46 20.13 -36.88
C GLU A 370 -18.37 19.97 -35.37
N VAL A 371 -17.18 19.72 -34.84
CA VAL A 371 -17.01 19.50 -33.41
C VAL A 371 -16.88 20.84 -32.70
N MET A 372 -17.27 20.87 -31.42
CA MET A 372 -17.15 22.04 -30.57
C MET A 372 -16.56 21.60 -29.24
N LEU A 373 -15.48 22.27 -28.83
CA LEU A 373 -14.73 21.85 -27.64
C LEU A 373 -15.27 22.55 -26.40
N SER A 374 -15.71 21.75 -25.44
CA SER A 374 -16.18 22.23 -24.14
C SER A 374 -15.00 22.28 -23.18
N THR A 375 -15.28 22.45 -21.88
CA THR A 375 -14.22 22.61 -20.89
C THR A 375 -13.31 21.38 -20.86
N ARG A 376 -12.02 21.63 -20.64
CA ARG A 376 -11.04 20.57 -20.63
C ARG A 376 -11.26 19.61 -19.47
N ILE A 377 -10.87 18.36 -19.65
CA ILE A 377 -11.00 17.34 -18.63
C ILE A 377 -9.70 17.14 -17.87
N GLY A 378 -8.61 16.93 -18.60
CA GLY A 378 -7.33 16.63 -17.99
C GLY A 378 -6.33 16.26 -19.06
N SER A 379 -5.18 15.79 -18.61
CA SER A 379 -4.10 15.41 -19.50
C SER A 379 -3.67 13.97 -19.22
N GLY A 380 -3.14 13.33 -20.25
CA GLY A 380 -2.65 11.97 -20.10
C GLY A 380 -1.25 11.79 -20.61
N SER A 381 -0.87 10.56 -20.90
CA SER A 381 0.50 10.28 -21.32
C SER A 381 0.79 10.82 -22.71
N PHE A 382 -0.22 10.83 -23.58
CA PHE A 382 0.00 11.24 -24.96
C PHE A 382 -1.05 12.20 -25.48
N GLY A 383 -1.91 12.75 -24.62
CA GLY A 383 -2.94 13.63 -25.11
C GLY A 383 -3.62 14.37 -23.99
N THR A 384 -4.42 15.36 -24.39
CA THR A 384 -5.20 16.19 -23.49
C THR A 384 -6.67 16.09 -23.89
N VAL A 385 -7.52 15.77 -22.92
CA VAL A 385 -8.91 15.42 -23.22
C VAL A 385 -9.82 16.62 -22.98
N TYR A 386 -10.66 16.92 -23.97
CA TYR A 386 -11.70 17.93 -23.88
C TYR A 386 -13.06 17.32 -24.21
N LYS A 387 -14.11 17.96 -23.72
CA LYS A 387 -15.47 17.55 -24.01
C LYS A 387 -15.92 18.17 -25.31
N GLY A 388 -16.51 17.35 -26.20
CA GLY A 388 -17.04 17.81 -27.45
C GLY A 388 -18.52 17.48 -27.59
N LYS A 389 -19.11 18.04 -28.64
CA LYS A 389 -20.53 17.88 -28.90
C LYS A 389 -20.80 17.59 -30.37
N TRP A 390 -19.89 16.88 -31.02
CA TRP A 390 -20.08 16.52 -32.43
C TRP A 390 -21.03 15.35 -32.52
N HIS A 391 -22.20 15.57 -33.12
CA HIS A 391 -23.21 14.51 -33.28
C HIS A 391 -23.51 13.85 -31.93
N GLY A 392 -23.66 14.67 -30.90
CA GLY A 392 -23.75 14.18 -29.53
C GLY A 392 -22.46 14.40 -28.78
N ASP A 393 -22.50 14.05 -27.50
CA ASP A 393 -21.34 14.26 -26.64
C ASP A 393 -20.21 13.33 -27.05
N VAL A 394 -19.00 13.86 -27.13
CA VAL A 394 -17.82 13.07 -27.46
C VAL A 394 -16.66 13.54 -26.60
N ALA A 395 -15.56 12.80 -26.68
CA ALA A 395 -14.31 13.18 -26.04
C ALA A 395 -13.27 13.37 -27.13
N VAL A 396 -12.64 14.54 -27.16
CA VAL A 396 -11.62 14.86 -28.14
C VAL A 396 -10.28 14.93 -27.42
N LYS A 397 -9.36 14.05 -27.80
CA LYS A 397 -8.02 14.05 -27.24
C LYS A 397 -7.10 14.75 -28.23
N ILE A 398 -6.57 15.90 -27.81
CA ILE A 398 -5.54 16.62 -28.55
C ILE A 398 -4.22 15.91 -28.31
N LEU A 399 -3.58 15.46 -29.38
CA LEU A 399 -2.32 14.74 -29.26
C LEU A 399 -1.17 15.70 -29.05
N LYS A 400 -0.15 15.25 -28.31
CA LYS A 400 1.02 16.08 -28.09
C LYS A 400 1.96 16.11 -29.29
N VAL A 401 1.82 15.17 -30.22
CA VAL A 401 2.70 15.16 -31.40
C VAL A 401 2.42 16.40 -32.24
N VAL A 402 3.44 17.21 -32.45
CA VAL A 402 3.28 18.53 -33.07
C VAL A 402 3.31 18.44 -34.58
N ASP A 403 4.32 17.77 -35.13
CA ASP A 403 4.55 17.69 -36.58
C ASP A 403 4.63 16.22 -36.97
N PRO A 404 3.49 15.57 -37.19
CA PRO A 404 3.51 14.15 -37.56
C PRO A 404 4.23 13.95 -38.88
N THR A 405 5.13 12.97 -38.90
CA THR A 405 5.80 12.62 -40.14
C THR A 405 4.79 12.01 -41.10
N PRO A 406 4.94 12.24 -42.41
CA PRO A 406 3.99 11.64 -43.36
C PRO A 406 3.83 10.14 -43.24
N GLU A 407 4.92 9.40 -43.02
CA GLU A 407 4.77 7.97 -42.73
C GLU A 407 4.07 7.77 -41.40
N GLN A 408 4.43 8.58 -40.40
CA GLN A 408 3.76 8.51 -39.11
C GLN A 408 2.28 8.82 -39.25
N PHE A 409 1.94 9.84 -40.05
CA PHE A 409 0.54 10.19 -40.24
C PHE A 409 -0.21 9.08 -40.98
N GLN A 410 0.43 8.44 -41.96
CA GLN A 410 -0.22 7.36 -42.69
C GLN A 410 -0.49 6.17 -41.78
N ALA A 411 0.49 5.80 -40.94
CA ALA A 411 0.25 4.73 -39.98
C ALA A 411 -0.82 5.14 -38.98
N PHE A 412 -0.85 6.42 -38.60
CA PHE A 412 -1.87 6.90 -37.69
C PHE A 412 -3.27 6.74 -38.29
N ARG A 413 -3.43 7.09 -39.56
CA ARG A 413 -4.74 6.94 -40.19
C ARG A 413 -5.09 5.46 -40.38
N ASN A 414 -4.10 4.61 -40.66
CA ASN A 414 -4.39 3.18 -40.76
C ASN A 414 -4.93 2.64 -39.44
N GLU A 415 -4.26 2.96 -38.34
CA GLU A 415 -4.72 2.51 -37.04
C GLU A 415 -6.07 3.14 -36.69
N VAL A 416 -6.30 4.38 -37.10
CA VAL A 416 -7.58 5.02 -36.85
C VAL A 416 -8.70 4.27 -37.57
N ALA A 417 -8.45 3.87 -38.82
CA ALA A 417 -9.45 3.09 -39.56
C ALA A 417 -9.72 1.77 -38.87
N VAL A 418 -8.65 1.08 -38.45
CA VAL A 418 -8.84 -0.20 -37.76
C VAL A 418 -9.65 -0.01 -36.48
N LEU A 419 -9.40 1.08 -35.76
CA LEU A 419 -10.16 1.33 -34.53
C LEU A 419 -11.62 1.65 -34.81
N ARG A 420 -11.89 2.42 -35.88
CA ARG A 420 -13.28 2.65 -36.27
C ARG A 420 -13.96 1.34 -36.63
N LYS A 421 -13.19 0.37 -37.13
CA LYS A 421 -13.77 -0.93 -37.46
C LYS A 421 -14.30 -1.67 -36.23
N THR A 422 -13.76 -1.38 -35.04
CA THR A 422 -14.15 -2.12 -33.85
C THR A 422 -15.57 -1.80 -33.43
N ARG A 423 -16.26 -2.79 -32.88
CA ARG A 423 -17.63 -2.59 -32.40
C ARG A 423 -17.90 -3.64 -31.31
N HIS A 424 -17.87 -3.20 -30.06
CA HIS A 424 -18.13 -4.06 -28.93
C HIS A 424 -18.74 -3.27 -27.79
N VAL A 425 -19.43 -3.97 -26.88
CA VAL A 425 -20.16 -3.31 -25.81
C VAL A 425 -19.22 -2.69 -24.78
N ASN A 426 -18.14 -3.39 -24.43
CA ASN A 426 -17.30 -2.98 -23.31
C ASN A 426 -16.18 -2.04 -23.73
N ILE A 427 -16.14 -1.63 -24.99
CA ILE A 427 -15.11 -0.71 -25.47
C ILE A 427 -15.79 0.50 -26.09
N LEU A 428 -15.22 1.67 -25.82
CA LEU A 428 -15.81 2.92 -26.28
C LEU A 428 -15.76 3.03 -27.80
N LEU A 429 -16.64 3.85 -28.34
CA LEU A 429 -16.64 4.07 -29.79
C LEU A 429 -15.54 5.03 -30.19
N PHE A 430 -14.91 4.73 -31.33
CA PHE A 430 -13.82 5.52 -31.88
C PHE A 430 -14.36 6.21 -33.14
N MET A 431 -14.79 7.46 -32.99
CA MET A 431 -15.44 8.15 -34.10
C MET A 431 -14.47 8.38 -35.25
N GLY A 432 -13.27 8.86 -34.95
CA GLY A 432 -12.31 9.16 -35.99
C GLY A 432 -11.34 10.24 -35.53
N TYR A 433 -10.63 10.79 -36.50
CA TYR A 433 -9.57 11.76 -36.24
C TYR A 433 -9.83 13.05 -37.00
N MET A 434 -9.08 14.09 -36.64
CA MET A 434 -9.15 15.37 -37.30
C MET A 434 -7.75 15.97 -37.34
N THR A 435 -7.41 16.63 -38.44
CA THR A 435 -6.08 17.23 -38.60
C THR A 435 -6.11 18.76 -38.55
N LYS A 436 -7.24 19.37 -38.20
CA LYS A 436 -7.32 20.83 -38.20
C LYS A 436 -6.94 21.44 -36.86
N ASP A 437 -7.69 21.12 -35.81
CA ASP A 437 -7.37 21.58 -34.46
C ASP A 437 -6.16 20.80 -33.95
N ASN A 438 -5.00 21.14 -34.51
CA ASN A 438 -3.79 20.33 -34.34
C ASN A 438 -4.13 18.91 -34.79
N LEU A 439 -3.56 17.90 -34.16
CA LEU A 439 -3.98 16.52 -34.41
C LEU A 439 -4.75 16.01 -33.22
N ALA A 440 -5.98 15.58 -33.45
CA ALA A 440 -6.86 15.14 -32.38
C ALA A 440 -7.63 13.91 -32.81
N ILE A 441 -8.09 13.15 -31.82
CA ILE A 441 -8.86 11.93 -32.04
C ILE A 441 -10.18 12.07 -31.28
N VAL A 442 -11.25 11.60 -31.89
CA VAL A 442 -12.59 11.68 -31.32
C VAL A 442 -13.04 10.29 -30.91
N THR A 443 -13.51 10.16 -29.66
CA THR A 443 -14.00 8.90 -29.14
C THR A 443 -15.35 9.12 -28.46
N GLN A 444 -16.06 8.02 -28.24
CA GLN A 444 -17.31 8.07 -27.52
C GLN A 444 -17.09 8.54 -26.10
N TRP A 445 -17.86 9.54 -25.70
CA TRP A 445 -17.79 10.05 -24.34
C TRP A 445 -18.50 9.08 -23.40
N CYS A 446 -17.96 8.93 -22.20
CA CYS A 446 -18.59 8.15 -21.15
C CYS A 446 -18.76 9.04 -19.93
N GLU A 447 -19.99 9.15 -19.42
CA GLU A 447 -20.24 10.02 -18.29
C GLU A 447 -19.74 9.42 -16.99
N GLY A 448 -19.72 8.09 -16.89
CA GLY A 448 -19.32 7.45 -15.66
C GLY A 448 -17.85 7.70 -15.34
N SER A 449 -17.56 7.74 -14.04
CA SER A 449 -16.21 8.00 -13.59
C SER A 449 -15.29 6.83 -13.91
N SER A 450 -14.00 7.13 -13.98
CA SER A 450 -13.02 6.10 -14.31
C SER A 450 -12.85 5.12 -13.16
N LEU A 451 -12.49 3.89 -13.52
CA LEU A 451 -12.33 2.84 -12.51
C LEU A 451 -11.24 3.21 -11.51
N TYR A 452 -10.18 3.87 -11.98
CA TYR A 452 -9.15 4.34 -11.07
C TYR A 452 -9.72 5.30 -10.05
N LYS A 453 -10.59 6.21 -10.51
CA LYS A 453 -11.22 7.12 -9.56
C LYS A 453 -12.09 6.35 -8.57
N HIS A 454 -12.83 5.37 -9.05
CA HIS A 454 -13.73 4.61 -8.17
C HIS A 454 -12.95 3.88 -7.08
N LEU A 455 -11.94 3.10 -7.48
CA LEU A 455 -11.22 2.29 -6.50
C LEU A 455 -10.40 3.16 -5.56
N HIS A 456 -9.72 4.18 -6.10
CA HIS A 456 -8.73 4.91 -5.33
C HIS A 456 -9.19 6.33 -4.98
N VAL A 457 -9.52 7.14 -5.99
CA VAL A 457 -9.90 8.52 -5.71
C VAL A 457 -11.22 8.57 -4.96
N GLN A 458 -12.22 7.82 -5.42
CA GLN A 458 -13.50 7.76 -4.73
C GLN A 458 -13.50 6.74 -3.60
N GLU A 459 -12.63 5.74 -3.66
CA GLU A 459 -12.66 4.61 -2.72
C GLU A 459 -14.06 4.02 -2.64
N THR A 460 -14.70 3.89 -3.80
CA THR A 460 -16.04 3.32 -3.85
C THR A 460 -16.02 1.89 -3.37
N LYS A 461 -16.96 1.55 -2.49
CA LYS A 461 -16.98 0.25 -1.82
C LYS A 461 -17.73 -0.74 -2.70
N PHE A 462 -16.99 -1.69 -3.27
CA PHE A 462 -17.57 -2.71 -4.14
C PHE A 462 -17.64 -4.05 -3.42
N GLN A 463 -18.75 -4.77 -3.63
CA GLN A 463 -18.84 -6.13 -3.14
C GLN A 463 -18.01 -7.06 -4.02
N MET A 464 -17.75 -8.26 -3.50
CA MET A 464 -16.87 -9.19 -4.21
C MET A 464 -17.44 -9.59 -5.56
N PHE A 465 -18.73 -9.89 -5.62
CA PHE A 465 -19.31 -10.25 -6.91
C PHE A 465 -19.30 -9.08 -7.87
N GLN A 466 -19.44 -7.85 -7.37
CA GLN A 466 -19.33 -6.68 -8.24
C GLN A 466 -17.96 -6.62 -8.89
N LEU A 467 -16.90 -6.83 -8.10
CA LEU A 467 -15.55 -6.81 -8.65
C LEU A 467 -15.35 -7.95 -9.63
N ILE A 468 -15.91 -9.12 -9.33
CA ILE A 468 -15.79 -10.24 -10.25
C ILE A 468 -16.46 -9.92 -11.58
N ASP A 469 -17.63 -9.29 -11.53
CA ASP A 469 -18.32 -8.93 -12.76
C ASP A 469 -17.56 -7.84 -13.52
N ILE A 470 -16.99 -6.87 -12.81
CA ILE A 470 -16.18 -5.85 -13.47
C ILE A 470 -15.01 -6.50 -14.19
N ALA A 471 -14.34 -7.43 -13.52
CA ALA A 471 -13.22 -8.14 -14.13
C ALA A 471 -13.67 -8.94 -15.33
N ARG A 472 -14.83 -9.59 -15.24
CA ARG A 472 -15.33 -10.36 -16.36
C ARG A 472 -15.62 -9.46 -17.57
N GLN A 473 -16.24 -8.31 -17.33
CA GLN A 473 -16.51 -7.38 -18.42
C GLN A 473 -15.21 -6.88 -19.05
N THR A 474 -14.24 -6.54 -18.21
CA THR A 474 -12.95 -6.07 -18.73
C THR A 474 -12.26 -7.15 -19.55
N ALA A 475 -12.30 -8.40 -19.07
CA ALA A 475 -11.70 -9.49 -19.82
C ALA A 475 -12.42 -9.68 -21.14
N GLN A 476 -13.75 -9.52 -21.15
CA GLN A 476 -14.49 -9.60 -22.40
C GLN A 476 -14.02 -8.54 -23.39
N GLY A 477 -13.89 -7.30 -22.92
CA GLY A 477 -13.45 -6.23 -23.81
C GLY A 477 -12.05 -6.44 -24.34
N MET A 478 -11.11 -6.84 -23.46
CA MET A 478 -9.76 -7.10 -23.91
C MET A 478 -9.71 -8.28 -24.86
N ASP A 479 -10.54 -9.30 -24.64
CA ASP A 479 -10.62 -10.43 -25.56
C ASP A 479 -11.14 -9.98 -26.90
N TYR A 480 -12.11 -9.07 -26.92
CA TYR A 480 -12.59 -8.52 -28.19
C TYR A 480 -11.46 -7.82 -28.92
N LEU A 481 -10.71 -6.98 -28.21
CA LEU A 481 -9.64 -6.23 -28.87
C LEU A 481 -8.56 -7.18 -29.40
N HIS A 482 -8.19 -8.19 -28.62
CA HIS A 482 -7.14 -9.10 -29.04
C HIS A 482 -7.60 -10.03 -30.15
N ALA A 483 -8.89 -10.31 -30.22
CA ALA A 483 -9.41 -11.08 -31.35
C ALA A 483 -9.20 -10.31 -32.65
N LYS A 484 -9.11 -8.99 -32.59
CA LYS A 484 -8.90 -8.15 -33.76
C LYS A 484 -7.44 -7.76 -33.93
N ASN A 485 -6.51 -8.44 -33.26
CA ASN A 485 -5.09 -8.14 -33.37
C ASN A 485 -4.79 -6.69 -33.02
N ILE A 486 -5.49 -6.18 -32.01
CA ILE A 486 -5.28 -4.83 -31.51
C ILE A 486 -4.70 -4.95 -30.11
N ILE A 487 -3.53 -4.35 -29.91
CA ILE A 487 -2.82 -4.44 -28.64
C ILE A 487 -3.14 -3.16 -27.86
N HIS A 488 -4.01 -3.29 -26.86
CA HIS A 488 -4.33 -2.16 -25.99
C HIS A 488 -3.16 -1.96 -25.04
N ARG A 489 -2.13 -1.31 -25.54
CA ARG A 489 -1.10 -0.82 -24.66
C ARG A 489 -1.66 0.32 -23.80
N ASP A 490 -0.95 0.63 -22.71
CA ASP A 490 -1.43 1.58 -21.71
C ASP A 490 -2.76 1.10 -21.13
N MET A 491 -2.92 -0.21 -21.04
CA MET A 491 -4.10 -0.81 -20.42
C MET A 491 -3.97 -0.71 -18.92
N LYS A 492 -4.95 -0.09 -18.26
CA LYS A 492 -4.80 0.22 -16.85
C LYS A 492 -6.15 0.64 -16.28
N SER A 493 -6.09 1.19 -15.05
CA SER A 493 -7.30 1.56 -14.33
C SER A 493 -7.91 2.86 -14.82
N ASN A 494 -7.10 3.81 -15.29
CA ASN A 494 -7.66 5.05 -15.81
C ASN A 494 -8.31 4.83 -17.17
N ASN A 495 -7.86 3.81 -17.89
CA ASN A 495 -8.40 3.45 -19.19
C ASN A 495 -9.64 2.58 -19.09
N ILE A 496 -10.20 2.43 -17.90
CA ILE A 496 -11.42 1.66 -17.68
C ILE A 496 -12.43 2.54 -16.96
N PHE A 497 -13.62 2.65 -17.54
CA PHE A 497 -14.67 3.50 -17.00
C PHE A 497 -15.87 2.67 -16.58
N LEU A 498 -16.56 3.12 -15.53
CA LEU A 498 -17.77 2.45 -15.06
C LEU A 498 -18.97 3.21 -15.62
N HIS A 499 -19.32 2.85 -16.84
CA HIS A 499 -20.48 3.43 -17.50
C HIS A 499 -21.76 2.80 -16.97
N GLU A 500 -22.77 3.63 -16.75
CA GLU A 500 -24.09 3.18 -16.30
C GLU A 500 -24.00 2.39 -15.00
N GLY A 501 -23.17 2.83 -14.06
CA GLY A 501 -23.11 2.20 -12.77
C GLY A 501 -22.11 1.07 -12.65
N LEU A 502 -22.22 0.06 -13.50
CA LEU A 502 -21.32 -1.10 -13.42
C LEU A 502 -20.81 -1.62 -14.75
N THR A 503 -21.30 -1.11 -15.88
CA THR A 503 -20.76 -1.56 -17.16
C THR A 503 -19.32 -1.09 -17.32
N VAL A 504 -18.47 -1.97 -17.82
CA VAL A 504 -17.06 -1.64 -18.05
C VAL A 504 -16.89 -1.12 -19.46
N LYS A 505 -16.20 0.01 -19.61
CA LYS A 505 -15.88 0.58 -20.91
C LYS A 505 -14.38 0.78 -21.00
N ILE A 506 -13.76 0.19 -22.01
CA ILE A 506 -12.33 0.23 -22.23
C ILE A 506 -12.01 1.32 -23.24
N GLY A 507 -10.98 2.13 -22.97
CA GLY A 507 -10.63 3.22 -23.85
C GLY A 507 -9.13 3.32 -24.11
N ASP A 508 -8.79 4.21 -25.04
CA ASP A 508 -7.41 4.60 -25.32
C ASP A 508 -6.56 3.40 -25.73
N PHE A 509 -7.17 2.48 -26.45
CA PHE A 509 -6.52 1.24 -26.87
C PHE A 509 -5.89 1.42 -28.24
N GLY A 510 -4.93 0.54 -28.54
CA GLY A 510 -4.18 0.69 -29.78
C GLY A 510 -3.39 1.98 -29.77
N LEU A 511 -3.46 2.71 -30.88
CA LEU A 511 -2.77 4.00 -31.02
C LEU A 511 -1.27 3.85 -30.74
N ALA A 512 -0.67 2.80 -31.28
CA ALA A 512 0.76 2.58 -31.06
C ALA A 512 1.58 3.70 -31.68
N THR A 513 1.18 4.18 -32.86
CA THR A 513 2.01 5.10 -33.63
C THR A 513 1.98 6.52 -33.11
N VAL A 514 1.09 6.84 -32.17
CA VAL A 514 0.99 8.19 -31.62
C VAL A 514 1.54 8.28 -30.20
N LYS A 515 1.23 7.30 -29.35
CA LYS A 515 1.70 7.36 -27.97
C LYS A 515 3.22 7.38 -27.93
N SER A 516 3.87 6.62 -28.80
CA SER A 516 5.32 6.62 -28.91
C SER A 516 5.75 7.73 -29.88
N ARG A 517 6.82 8.42 -29.53
CA ARG A 517 7.37 9.43 -30.44
C ARG A 517 7.97 8.77 -31.68
N TRP A 518 8.23 9.60 -32.68
CA TRP A 518 8.83 9.14 -33.93
C TRP A 518 10.06 9.98 -34.26
N SER A 519 11.18 9.31 -34.52
CA SER A 519 12.40 9.97 -34.98
C SER A 519 12.42 10.04 -36.51
N GLY A 520 11.55 10.90 -37.03
CA GLY A 520 11.38 11.02 -38.46
C GLY A 520 10.53 9.89 -39.03
N SER A 521 11.09 9.11 -39.94
CA SER A 521 10.41 7.97 -40.51
C SER A 521 10.50 6.73 -39.63
N GLN A 522 11.19 6.81 -38.50
CA GLN A 522 11.39 5.67 -37.61
C GLN A 522 10.71 5.97 -36.27
N GLN A 523 9.88 5.04 -35.82
CA GLN A 523 9.29 5.14 -34.50
C GLN A 523 10.39 5.02 -33.45
N VAL A 524 10.26 5.80 -32.37
CA VAL A 524 11.30 5.80 -31.34
C VAL A 524 11.46 4.43 -30.71
N GLU A 525 10.36 3.69 -30.58
CA GLU A 525 10.38 2.32 -30.02
C GLU A 525 10.94 2.31 -28.60
N GLN A 526 10.39 3.18 -27.76
CA GLN A 526 10.72 3.26 -26.35
C GLN A 526 9.45 3.14 -25.52
N PRO A 527 9.55 2.67 -24.28
CA PRO A 527 8.35 2.54 -23.45
C PRO A 527 7.76 3.90 -23.11
N THR A 528 6.46 3.89 -22.83
CA THR A 528 5.75 5.11 -22.47
C THR A 528 4.57 4.75 -21.60
N GLY A 529 4.08 5.76 -20.87
CA GLY A 529 2.92 5.60 -20.02
C GLY A 529 3.32 5.22 -18.60
N SER A 530 2.29 4.97 -17.80
CA SER A 530 2.50 4.62 -16.40
C SER A 530 3.27 3.31 -16.27
N VAL A 531 4.18 3.27 -15.30
CA VAL A 531 5.04 2.11 -15.10
C VAL A 531 4.41 1.04 -14.22
N LEU A 532 3.49 1.41 -13.33
CA LEU A 532 2.92 0.43 -12.41
C LEU A 532 2.24 -0.70 -13.16
N TRP A 533 1.55 -0.38 -14.25
CA TRP A 533 0.93 -1.39 -15.09
C TRP A 533 1.82 -1.85 -16.23
N MET A 534 3.04 -1.32 -16.31
CA MET A 534 3.91 -1.66 -17.43
C MET A 534 4.49 -3.06 -17.23
N ALA A 535 4.45 -3.85 -18.28
CA ALA A 535 4.98 -5.21 -18.19
C ALA A 535 6.50 -5.17 -18.04
N PRO A 536 7.07 -6.16 -17.36
CA PRO A 536 8.54 -6.16 -17.20
C PRO A 536 9.28 -6.33 -18.52
N GLU A 537 8.82 -7.26 -19.36
CA GLU A 537 9.50 -7.54 -20.62
C GLU A 537 9.42 -6.36 -21.58
N VAL A 538 8.48 -5.45 -21.36
CA VAL A 538 8.43 -4.22 -22.14
C VAL A 538 9.17 -3.08 -21.44
N ILE A 539 9.34 -3.15 -20.12
CA ILE A 539 10.21 -2.19 -19.44
C ILE A 539 11.66 -2.39 -19.87
N ARG A 540 12.08 -3.65 -19.98
CA ARG A 540 13.46 -3.93 -20.37
C ARG A 540 13.74 -3.48 -21.80
N MET A 541 12.75 -3.54 -22.68
CA MET A 541 12.94 -3.29 -24.10
C MET A 541 14.01 -4.21 -24.68
N GLN A 542 14.08 -5.44 -24.13
CA GLN A 542 15.05 -6.41 -24.61
C GLN A 542 14.73 -6.88 -26.01
N ASP A 543 13.54 -6.57 -26.52
CA ASP A 543 13.17 -6.83 -27.90
C ASP A 543 12.66 -5.53 -28.52
N ASN A 544 12.79 -5.44 -29.84
CA ASN A 544 12.29 -4.25 -30.53
C ASN A 544 10.77 -4.17 -30.50
N ASN A 545 10.10 -5.32 -30.41
CA ASN A 545 8.64 -5.39 -30.30
C ASN A 545 8.30 -6.19 -29.05
N PRO A 546 8.43 -5.58 -27.86
CA PRO A 546 8.07 -6.28 -26.63
C PRO A 546 6.57 -6.24 -26.35
N PHE A 547 5.83 -5.37 -27.02
CA PHE A 547 4.38 -5.33 -26.85
C PHE A 547 3.76 -6.52 -27.56
N SER A 548 2.91 -7.26 -26.83
CA SER A 548 2.17 -8.39 -27.39
C SER A 548 0.97 -8.64 -26.49
N PHE A 549 0.33 -9.79 -26.67
CA PHE A 549 -0.82 -10.13 -25.84
C PHE A 549 -0.44 -10.25 -24.37
N GLN A 550 0.72 -10.83 -24.08
CA GLN A 550 1.07 -11.12 -22.69
C GLN A 550 1.34 -9.85 -21.89
N SER A 551 1.84 -8.80 -22.55
CA SER A 551 1.98 -7.51 -21.85
C SER A 551 0.60 -6.99 -21.43
N ASP A 552 -0.39 -7.11 -22.31
CA ASP A 552 -1.75 -6.77 -21.93
C ASP A 552 -2.21 -7.63 -20.78
N VAL A 553 -1.86 -8.92 -20.80
CA VAL A 553 -2.26 -9.81 -19.73
C VAL A 553 -1.68 -9.34 -18.40
N TYR A 554 -0.41 -8.92 -18.41
CA TYR A 554 0.22 -8.43 -17.18
C TYR A 554 -0.46 -7.16 -16.69
N SER A 555 -0.74 -6.23 -17.59
CA SER A 555 -1.40 -4.99 -17.18
C SER A 555 -2.77 -5.30 -16.59
N TYR A 556 -3.49 -6.21 -17.22
CA TYR A 556 -4.79 -6.65 -16.71
C TYR A 556 -4.65 -7.29 -15.34
N GLY A 557 -3.58 -8.06 -15.12
CA GLY A 557 -3.36 -8.65 -13.82
C GLY A 557 -3.07 -7.61 -12.75
N ILE A 558 -2.35 -6.55 -13.12
CA ILE A 558 -2.15 -5.44 -12.18
C ILE A 558 -3.49 -4.80 -11.85
N VAL A 559 -4.34 -4.63 -12.85
CA VAL A 559 -5.67 -4.10 -12.59
C VAL A 559 -6.44 -5.01 -11.65
N LEU A 560 -6.33 -6.33 -11.86
CA LEU A 560 -6.95 -7.28 -10.94
C LEU A 560 -6.43 -7.12 -9.53
N TYR A 561 -5.13 -6.89 -9.39
CA TYR A 561 -4.56 -6.65 -8.07
C TYR A 561 -5.16 -5.41 -7.43
N GLU A 562 -5.29 -4.33 -8.20
CA GLU A 562 -5.91 -3.13 -7.65
C GLU A 562 -7.33 -3.41 -7.21
N LEU A 563 -8.06 -4.19 -8.00
CA LEU A 563 -9.43 -4.53 -7.64
C LEU A 563 -9.49 -5.34 -6.35
N MET A 564 -8.61 -6.32 -6.21
CA MET A 564 -8.64 -7.22 -5.07
C MET A 564 -7.89 -6.69 -3.87
N THR A 565 -7.30 -5.50 -3.97
CA THR A 565 -6.60 -4.90 -2.86
C THR A 565 -7.12 -3.50 -2.57
N GLY A 566 -7.63 -2.82 -3.59
CA GLY A 566 -8.04 -1.45 -3.40
C GLY A 566 -6.90 -0.46 -3.28
N GLU A 567 -5.67 -0.89 -3.54
CA GLU A 567 -4.51 -0.03 -3.44
C GLU A 567 -3.54 -0.35 -4.57
N LEU A 568 -2.73 0.64 -4.92
CA LEU A 568 -1.78 0.46 -6.01
C LEU A 568 -0.65 -0.48 -5.58
N PRO A 569 -0.14 -1.27 -6.51
CA PRO A 569 1.01 -2.12 -6.18
C PRO A 569 2.25 -1.29 -5.90
N TYR A 570 3.15 -1.88 -5.12
CA TYR A 570 4.41 -1.25 -4.74
C TYR A 570 4.17 0.06 -4.00
N SER A 571 3.30 0.00 -2.98
CA SER A 571 3.05 1.16 -2.15
C SER A 571 4.24 1.54 -1.28
N HIS A 572 5.19 0.62 -1.09
CA HIS A 572 6.37 0.91 -0.27
C HIS A 572 7.44 1.66 -1.04
N ILE A 573 7.31 1.82 -2.35
CA ILE A 573 8.28 2.49 -3.20
C ILE A 573 7.70 3.84 -3.60
N ASN A 574 8.48 4.90 -3.39
CA ASN A 574 8.02 6.25 -3.72
C ASN A 574 8.91 6.94 -4.74
N ASN A 575 9.64 6.18 -5.56
CA ASN A 575 10.40 6.73 -6.66
C ASN A 575 10.14 5.92 -7.92
N ARG A 576 9.84 6.61 -9.02
CA ARG A 576 9.46 5.92 -10.24
C ARG A 576 10.62 5.15 -10.84
N ASP A 577 11.83 5.73 -10.81
CA ASP A 577 12.97 5.05 -11.40
C ASP A 577 13.31 3.78 -10.63
N GLN A 578 13.17 3.82 -9.31
CA GLN A 578 13.37 2.62 -8.51
C GLN A 578 12.39 1.53 -8.92
N ILE A 579 11.13 1.91 -9.15
CA ILE A 579 10.14 0.95 -9.62
C ILE A 579 10.57 0.37 -10.96
N ILE A 580 11.01 1.23 -11.88
CA ILE A 580 11.42 0.76 -13.19
C ILE A 580 12.53 -0.27 -13.06
N PHE A 581 13.57 0.05 -12.29
CA PHE A 581 14.71 -0.84 -12.18
C PHE A 581 14.33 -2.16 -11.51
N MET A 582 13.61 -2.10 -10.39
CA MET A 582 13.29 -3.33 -9.68
C MET A 582 12.34 -4.21 -10.47
N VAL A 583 11.34 -3.63 -11.14
CA VAL A 583 10.43 -4.44 -11.93
C VAL A 583 11.16 -5.05 -13.12
N GLY A 584 12.01 -4.27 -13.79
CA GLY A 584 12.78 -4.81 -14.89
C GLY A 584 13.73 -5.91 -14.46
N ARG A 585 14.28 -5.81 -13.25
CA ARG A 585 15.17 -6.83 -12.75
C ARG A 585 14.43 -8.04 -12.19
N GLY A 586 13.12 -7.95 -12.00
CA GLY A 586 12.38 -9.02 -11.36
C GLY A 586 12.50 -9.05 -9.87
N TYR A 587 13.19 -8.09 -9.27
CA TYR A 587 13.35 -8.07 -7.82
C TYR A 587 12.05 -7.70 -7.10
N ALA A 588 11.09 -7.11 -7.80
CA ALA A 588 9.81 -6.74 -7.21
C ALA A 588 8.68 -7.33 -8.04
N SER A 589 7.66 -7.84 -7.34
CA SER A 589 6.43 -8.34 -7.92
C SER A 589 5.28 -7.95 -7.00
N PRO A 590 4.06 -7.85 -7.51
CA PRO A 590 2.94 -7.46 -6.65
C PRO A 590 2.70 -8.50 -5.58
N ASP A 591 2.84 -8.08 -4.32
CA ASP A 591 2.66 -9.00 -3.21
C ASP A 591 1.20 -9.40 -3.09
N LEU A 592 0.95 -10.71 -3.09
CA LEU A 592 -0.41 -11.24 -3.03
C LEU A 592 -0.95 -11.24 -1.61
N SER A 593 -0.15 -10.82 -0.63
CA SER A 593 -0.60 -10.74 0.75
C SER A 593 -1.62 -9.63 0.97
N LYS A 594 -1.66 -8.64 0.08
CA LYS A 594 -2.63 -7.56 0.24
C LYS A 594 -4.02 -7.95 -0.23
N LEU A 595 -4.17 -9.12 -0.85
CA LEU A 595 -5.45 -9.51 -1.43
C LEU A 595 -6.53 -9.61 -0.36
N TYR A 596 -7.77 -9.36 -0.77
CA TYR A 596 -8.88 -9.44 0.14
C TYR A 596 -9.06 -10.87 0.65
N LYS A 597 -9.43 -10.99 1.93
CA LYS A 597 -9.63 -12.31 2.51
C LYS A 597 -10.83 -13.02 1.91
N ASN A 598 -11.92 -12.29 1.67
CA ASN A 598 -13.11 -12.86 1.06
C ASN A 598 -12.91 -13.18 -0.41
N CYS A 599 -11.82 -12.74 -1.00
CA CYS A 599 -11.54 -13.03 -2.40
C CYS A 599 -11.42 -14.54 -2.57
N PRO A 600 -12.09 -15.13 -3.56
CA PRO A 600 -12.02 -16.58 -3.74
C PRO A 600 -10.60 -17.03 -4.07
N LYS A 601 -10.29 -18.27 -3.70
CA LYS A 601 -8.94 -18.80 -3.86
C LYS A 601 -8.55 -18.89 -5.33
N ALA A 602 -9.47 -19.32 -6.20
CA ALA A 602 -9.15 -19.39 -7.61
C ALA A 602 -8.93 -18.00 -8.19
N MET A 603 -9.59 -16.97 -7.64
CA MET A 603 -9.30 -15.60 -8.07
C MET A 603 -7.86 -15.22 -7.74
N LYS A 604 -7.38 -15.59 -6.55
CA LYS A 604 -6.00 -15.32 -6.21
C LYS A 604 -5.05 -16.09 -7.11
N ARG A 605 -5.40 -17.34 -7.44
CA ARG A 605 -4.58 -18.09 -8.38
C ARG A 605 -4.53 -17.39 -9.74
N LEU A 606 -5.67 -16.86 -10.19
CA LEU A 606 -5.70 -16.17 -11.47
C LEU A 606 -4.85 -14.91 -11.44
N VAL A 607 -4.99 -14.10 -10.40
CA VAL A 607 -4.23 -12.85 -10.32
C VAL A 607 -2.75 -13.14 -10.16
N ALA A 608 -2.40 -14.29 -9.57
CA ALA A 608 -1.01 -14.72 -9.54
C ALA A 608 -0.52 -15.11 -10.94
N GLU A 609 -1.34 -15.84 -11.68
CA GLU A 609 -0.94 -16.30 -13.01
C GLU A 609 -0.79 -15.12 -13.98
N CYS A 610 -1.60 -14.08 -13.81
CA CYS A 610 -1.56 -12.97 -14.76
C CYS A 610 -0.28 -12.15 -14.65
N VAL A 611 0.26 -11.99 -13.44
CA VAL A 611 1.40 -11.11 -13.22
C VAL A 611 2.72 -11.89 -13.22
N LYS A 612 2.73 -13.09 -13.79
CA LYS A 612 3.96 -13.88 -13.84
C LYS A 612 5.05 -13.14 -14.58
N LYS A 613 6.26 -13.18 -14.01
CA LYS A 613 7.40 -12.49 -14.63
C LYS A 613 7.72 -13.10 -15.99
N VAL A 614 7.62 -14.42 -16.11
CA VAL A 614 7.83 -15.07 -17.40
C VAL A 614 6.70 -14.67 -18.34
N LYS A 615 7.07 -14.22 -19.54
CA LYS A 615 6.08 -13.81 -20.52
C LYS A 615 5.20 -14.98 -20.94
N GLU A 616 5.84 -16.12 -21.26
CA GLU A 616 5.08 -17.27 -21.73
C GLU A 616 4.25 -17.91 -20.62
N GLU A 617 4.53 -17.57 -19.36
CA GLU A 617 3.76 -18.13 -18.26
C GLU A 617 2.37 -17.53 -18.16
N ARG A 618 2.19 -16.28 -18.56
CA ARG A 618 0.89 -15.64 -18.45
C ARG A 618 -0.11 -16.32 -19.38
N PRO A 619 -1.29 -16.67 -18.89
CA PRO A 619 -2.29 -17.30 -19.76
C PRO A 619 -3.00 -16.27 -20.65
N LEU A 620 -3.58 -16.77 -21.73
CA LEU A 620 -4.31 -15.93 -22.67
C LEU A 620 -5.69 -15.57 -22.11
N PHE A 621 -6.32 -14.57 -22.75
CA PHE A 621 -7.57 -14.01 -22.24
C PHE A 621 -8.79 -14.94 -22.38
N PRO A 622 -8.88 -15.81 -23.40
CA PRO A 622 -9.93 -16.83 -23.35
C PRO A 622 -9.87 -17.67 -22.09
N GLN A 623 -8.67 -18.04 -21.66
CA GLN A 623 -8.50 -18.75 -20.41
C GLN A 623 -8.91 -17.89 -19.23
N ILE A 624 -8.60 -16.59 -19.28
CA ILE A 624 -9.02 -15.68 -18.22
C ILE A 624 -10.54 -15.68 -18.09
N LEU A 625 -11.24 -15.54 -19.22
CA LEU A 625 -12.69 -15.53 -19.19
C LEU A 625 -13.24 -16.85 -18.68
N SER A 626 -12.67 -17.98 -19.12
CA SER A 626 -13.14 -19.26 -18.64
C SER A 626 -12.98 -19.38 -17.12
N SER A 627 -11.83 -18.94 -16.61
CA SER A 627 -11.60 -18.98 -15.17
C SER A 627 -12.58 -18.09 -14.42
N ILE A 628 -12.85 -16.90 -14.95
CA ILE A 628 -13.77 -16.00 -14.27
C ILE A 628 -15.18 -16.56 -14.28
N GLU A 629 -15.58 -17.21 -15.38
CA GLU A 629 -16.89 -17.86 -15.42
C GLU A 629 -16.97 -18.97 -14.38
N LEU A 630 -15.92 -19.78 -14.26
CA LEU A 630 -15.92 -20.82 -13.25
C LEU A 630 -16.00 -20.23 -11.84
N LEU A 631 -15.31 -19.11 -11.62
CA LEU A 631 -15.40 -18.43 -10.34
C LEU A 631 -16.83 -17.98 -10.06
N GLN A 632 -17.48 -17.37 -11.05
CA GLN A 632 -18.85 -16.92 -10.87
C GLN A 632 -19.77 -18.09 -10.58
N HIS A 633 -19.51 -19.23 -11.21
CA HIS A 633 -20.27 -20.45 -10.89
C HIS A 633 -20.07 -20.83 -9.44
N SER A 634 -18.83 -20.82 -8.97
CA SER A 634 -18.54 -21.31 -7.62
C SER A 634 -18.94 -20.30 -6.56
N LEU A 635 -19.15 -19.05 -6.95
CA LEU A 635 -19.49 -17.97 -6.02
C LEU A 635 -20.70 -18.33 -5.17
N PRO A 636 -20.52 -18.57 -3.88
CA PRO A 636 -21.66 -18.92 -3.03
C PRO A 636 -22.40 -17.70 -2.56
N LYS A 637 -23.45 -17.91 -1.76
CA LYS A 637 -24.27 -16.83 -1.22
C LYS A 637 -24.33 -16.96 0.30
N ILE A 638 -23.19 -17.31 0.90
CA ILE A 638 -23.14 -17.56 2.33
C ILE A 638 -22.39 -16.41 3.00
N ASN A 639 -21.13 -16.21 2.61
CA ASN A 639 -20.38 -15.08 3.15
C ASN A 639 -20.91 -13.75 2.64
N ARG A 640 -21.62 -13.76 1.51
CA ARG A 640 -22.09 -12.52 0.91
C ARG A 640 -22.97 -11.73 1.86
N SER A 641 -23.85 -12.42 2.56
CA SER A 641 -24.71 -11.73 3.52
C SER A 641 -23.85 -11.11 4.61
N ALA A 642 -24.20 -9.90 5.00
CA ALA A 642 -23.51 -9.21 6.08
C ALA A 642 -24.48 -8.97 7.22
N GLU A 644 -25.37 -7.54 11.43
CA GLU A 644 -25.27 -6.30 12.20
C GLU A 644 -23.87 -6.13 12.75
N PRO A 645 -23.34 -4.91 12.70
CA PRO A 645 -22.03 -4.62 13.26
C PRO A 645 -22.07 -4.38 14.75
N SER A 646 -20.89 -4.43 15.37
CA SER A 646 -20.72 -4.18 16.79
C SER A 646 -20.72 -2.67 17.06
N LEU A 647 -21.90 -2.08 16.87
CA LEU A 647 -22.06 -0.64 17.01
C LEU A 647 -21.83 -0.17 18.45
N GLU B 84 -4.69 33.98 0.82
CA GLU B 84 -4.20 32.76 0.18
C GLU B 84 -4.06 32.96 -1.33
N LEU B 85 -3.88 31.85 -2.05
CA LEU B 85 -3.70 31.86 -3.49
C LEU B 85 -4.75 30.99 -4.15
N LYS B 86 -5.38 31.51 -5.20
CA LYS B 86 -6.44 30.83 -5.91
C LYS B 86 -6.17 30.87 -7.41
N ASP B 87 -6.90 30.03 -8.14
CA ASP B 87 -6.67 29.91 -9.58
C ASP B 87 -6.94 31.22 -10.31
N ASP B 88 -8.01 31.91 -9.94
CA ASP B 88 -8.47 33.08 -10.68
C ASP B 88 -7.51 34.26 -10.58
N ASP B 89 -6.63 34.30 -9.59
CA ASP B 89 -5.76 35.45 -9.40
C ASP B 89 -4.58 35.46 -10.35
N PHE B 90 -4.40 34.42 -11.15
CA PHE B 90 -3.28 34.30 -12.06
C PHE B 90 -3.74 34.38 -13.49
N GLU B 91 -3.05 35.21 -14.28
CA GLU B 91 -3.18 35.26 -15.73
C GLU B 91 -1.89 34.74 -16.31
N LYS B 92 -1.96 33.59 -16.97
CA LYS B 92 -0.75 32.98 -17.50
C LYS B 92 -0.15 33.86 -18.58
N ILE B 93 1.14 34.16 -18.45
CA ILE B 93 1.84 34.91 -19.48
C ILE B 93 2.42 33.98 -20.53
N SER B 94 3.00 32.87 -20.10
CA SER B 94 3.65 31.94 -21.03
C SER B 94 3.83 30.59 -20.34
N GLU B 95 4.22 29.60 -21.14
CA GLU B 95 4.56 28.28 -20.61
C GLU B 95 6.07 28.19 -20.47
N LEU B 96 6.56 28.16 -19.23
CA LEU B 96 7.99 28.08 -19.00
C LEU B 96 8.55 26.75 -19.46
N GLY B 97 7.84 25.65 -19.21
CA GLY B 97 8.31 24.35 -19.63
C GLY B 97 7.42 23.26 -19.08
N ALA B 98 7.68 22.05 -19.58
CA ALA B 98 6.91 20.88 -19.19
C ALA B 98 7.83 19.68 -19.02
N GLY B 99 7.64 18.95 -17.93
CA GLY B 99 8.39 17.73 -17.69
C GLY B 99 7.44 16.56 -17.51
N ASN B 100 7.95 15.42 -17.05
CA ASN B 100 7.07 14.27 -16.82
C ASN B 100 6.00 14.60 -15.78
N GLY B 101 6.39 15.26 -14.69
CA GLY B 101 5.45 15.51 -13.61
C GLY B 101 4.33 16.46 -14.00
N GLY B 102 4.67 17.56 -14.66
CA GLY B 102 3.66 18.56 -14.95
C GLY B 102 4.20 19.64 -15.85
N VAL B 103 3.58 20.82 -15.76
CA VAL B 103 3.98 21.96 -16.55
C VAL B 103 3.97 23.22 -15.71
N VAL B 104 4.98 24.06 -15.90
CA VAL B 104 5.11 25.32 -15.17
C VAL B 104 4.80 26.47 -16.11
N PHE B 105 4.00 27.42 -15.63
CA PHE B 105 3.61 28.59 -16.40
C PHE B 105 4.12 29.85 -15.72
N LYS B 106 4.76 30.72 -16.49
CA LYS B 106 5.04 32.08 -16.05
C LYS B 106 3.74 32.86 -16.07
N VAL B 107 3.25 33.22 -14.89
CA VAL B 107 1.97 33.89 -14.74
C VAL B 107 2.18 35.16 -13.93
N SER B 108 1.15 35.99 -13.91
CA SER B 108 1.15 37.19 -13.09
C SER B 108 0.06 37.06 -12.02
N HIS B 109 0.43 37.31 -10.76
CA HIS B 109 -0.55 37.32 -9.68
C HIS B 109 -1.24 38.68 -9.71
N LYS B 110 -2.51 38.69 -10.09
CA LYS B 110 -3.23 39.95 -10.25
C LYS B 110 -3.29 40.78 -8.97
N PRO B 111 -3.62 40.22 -7.79
CA PRO B 111 -3.67 41.08 -6.60
C PRO B 111 -2.37 41.77 -6.27
N SER B 112 -1.23 41.12 -6.52
CA SER B 112 0.06 41.71 -6.23
C SER B 112 0.76 42.27 -7.46
N GLY B 113 0.37 41.85 -8.66
CA GLY B 113 0.98 42.38 -9.86
C GLY B 113 2.40 41.94 -10.11
N LEU B 114 2.81 40.81 -9.53
CA LEU B 114 4.16 40.31 -9.71
C LEU B 114 4.13 39.02 -10.52
N VAL B 115 5.18 38.82 -11.30
CA VAL B 115 5.31 37.61 -12.10
C VAL B 115 5.87 36.50 -11.21
N MET B 116 5.20 35.36 -11.23
CA MET B 116 5.67 34.17 -10.54
C MET B 116 5.55 32.97 -11.45
N ALA B 117 6.07 31.86 -10.98
CA ALA B 117 5.99 30.59 -11.68
C ALA B 117 4.98 29.72 -10.97
N ARG B 118 4.03 29.18 -11.72
CA ARG B 118 2.99 28.34 -11.17
C ARG B 118 3.13 26.97 -11.82
N LYS B 119 3.50 25.98 -11.03
CA LYS B 119 3.68 24.61 -11.50
C LYS B 119 2.40 23.84 -11.26
N LEU B 120 1.85 23.25 -12.32
CA LEU B 120 0.67 22.41 -12.24
C LEU B 120 1.10 20.96 -12.42
N ILE B 121 0.81 20.13 -11.42
CA ILE B 121 1.08 18.71 -11.43
C ILE B 121 -0.24 17.98 -11.40
N HIS B 122 -0.56 17.23 -12.46
CA HIS B 122 -1.83 16.52 -12.52
C HIS B 122 -1.69 15.16 -11.81
N LEU B 123 -2.65 14.88 -10.94
CA LEU B 123 -2.64 13.62 -10.20
C LEU B 123 -4.04 13.34 -9.70
N GLU B 124 -4.36 12.06 -9.53
CA GLU B 124 -5.67 11.62 -9.07
C GLU B 124 -5.50 10.94 -7.72
N ILE B 125 -5.78 11.69 -6.64
CA ILE B 125 -5.65 11.22 -5.28
C ILE B 125 -6.86 11.67 -4.47
N LYS B 126 -6.97 11.11 -3.26
CA LYS B 126 -8.08 11.45 -2.39
C LYS B 126 -7.95 12.87 -1.86
N PRO B 127 -9.07 13.52 -1.52
CA PRO B 127 -8.98 14.89 -0.97
C PRO B 127 -8.17 14.98 0.31
N ALA B 128 -8.23 13.95 1.16
CA ALA B 128 -7.41 13.94 2.36
C ALA B 128 -5.92 13.98 2.02
N ILE B 129 -5.52 13.20 1.01
CA ILE B 129 -4.14 13.23 0.56
C ILE B 129 -3.78 14.61 0.05
N ARG B 130 -4.70 15.24 -0.68
CA ARG B 130 -4.44 16.58 -1.20
C ARG B 130 -4.23 17.58 -0.07
N ASN B 131 -5.09 17.53 0.95
CA ASN B 131 -4.94 18.43 2.09
C ASN B 131 -3.64 18.17 2.81
N GLN B 132 -3.27 16.90 2.97
CA GLN B 132 -2.01 16.55 3.60
C GLN B 132 -0.83 17.11 2.82
N ILE B 133 -0.89 17.00 1.49
CA ILE B 133 0.21 17.49 0.66
C ILE B 133 0.31 19.01 0.74
N ILE B 134 -0.84 19.69 0.73
CA ILE B 134 -0.83 21.14 0.88
C ILE B 134 -0.22 21.54 2.22
N ARG B 135 -0.61 20.83 3.28
CA ARG B 135 -0.05 21.13 4.60
C ARG B 135 1.45 20.90 4.62
N GLU B 136 1.92 19.81 4.00
CA GLU B 136 3.35 19.54 3.94
C GLU B 136 4.09 20.59 3.13
N LEU B 137 3.48 21.10 2.06
CA LEU B 137 4.11 22.14 1.27
C LEU B 137 4.08 23.49 1.98
N GLN B 138 3.20 23.66 2.97
CA GLN B 138 3.19 24.90 3.73
C GLN B 138 4.49 25.16 4.48
N VAL B 139 5.32 24.12 4.66
CA VAL B 139 6.61 24.30 5.32
C VAL B 139 7.52 25.23 4.53
N LEU B 140 7.32 25.33 3.22
CA LEU B 140 8.20 26.08 2.34
C LEU B 140 8.17 27.59 2.60
N HIS B 141 7.35 28.03 3.55
CA HIS B 141 7.27 29.45 3.84
C HIS B 141 8.54 29.98 4.48
N GLU B 142 9.19 29.18 5.34
CA GLU B 142 10.36 29.62 6.07
C GLU B 142 11.66 29.09 5.48
N CYS B 143 11.61 28.40 4.35
CA CYS B 143 12.81 27.87 3.71
C CYS B 143 13.43 28.98 2.87
N ASN B 144 14.08 29.92 3.56
CA ASN B 144 14.64 31.10 2.94
C ASN B 144 16.16 30.91 2.83
N SER B 145 16.67 30.98 1.60
CA SER B 145 18.09 30.80 1.34
C SER B 145 18.43 31.45 0.02
N PRO B 146 19.62 32.02 -0.11
CA PRO B 146 20.08 32.47 -1.43
C PRO B 146 20.30 31.32 -2.40
N TYR B 147 20.30 30.08 -1.92
CA TYR B 147 20.49 28.91 -2.76
C TYR B 147 19.21 28.12 -2.94
N ILE B 148 18.07 28.66 -2.50
CA ILE B 148 16.77 28.01 -2.59
C ILE B 148 15.81 28.98 -3.26
N VAL B 149 15.03 28.49 -4.23
CA VAL B 149 14.06 29.34 -4.90
C VAL B 149 13.01 29.82 -3.90
N GLY B 150 12.42 30.97 -4.18
CA GLY B 150 11.38 31.50 -3.31
C GLY B 150 10.10 30.70 -3.42
N PHE B 151 9.16 31.03 -2.53
CA PHE B 151 7.87 30.34 -2.49
C PHE B 151 6.82 31.28 -1.91
N TYR B 152 5.64 31.29 -2.52
CA TYR B 152 4.53 32.11 -2.05
C TYR B 152 3.36 31.31 -1.55
N GLY B 153 3.04 30.19 -2.18
CA GLY B 153 1.90 29.40 -1.76
C GLY B 153 1.67 28.24 -2.69
N ALA B 154 0.70 27.42 -2.30
CA ALA B 154 0.30 26.25 -3.06
C ALA B 154 -1.17 25.95 -2.80
N PHE B 155 -1.86 25.47 -3.84
CA PHE B 155 -3.26 25.11 -3.70
C PHE B 155 -3.61 24.11 -4.79
N TYR B 156 -4.78 23.49 -4.63
CA TYR B 156 -5.30 22.49 -5.55
C TYR B 156 -6.56 23.06 -6.21
N SER B 157 -6.52 23.23 -7.52
CA SER B 157 -7.65 23.81 -8.21
C SER B 157 -8.59 22.73 -8.72
N ASP B 158 -8.08 21.81 -9.55
CA ASP B 158 -8.93 20.78 -10.15
C ASP B 158 -8.01 19.68 -10.69
N GLY B 159 -7.89 18.60 -9.93
CA GLY B 159 -7.08 17.49 -10.40
C GLY B 159 -5.62 17.80 -10.61
N GLU B 160 -5.18 18.97 -10.14
CA GLU B 160 -3.80 19.41 -10.28
C GLU B 160 -3.39 20.15 -9.03
N ILE B 161 -2.18 19.88 -8.56
CA ILE B 161 -1.58 20.67 -7.50
C ILE B 161 -0.85 21.84 -8.12
N SER B 162 -1.15 23.04 -7.62
CA SER B 162 -0.56 24.29 -8.10
C SER B 162 0.45 24.76 -7.06
N ILE B 163 1.66 25.05 -7.50
CA ILE B 163 2.74 25.51 -6.64
C ILE B 163 3.20 26.86 -7.15
N CYS B 164 3.28 27.85 -6.27
CA CYS B 164 3.65 29.21 -6.63
C CYS B 164 5.02 29.55 -6.07
N MET B 165 5.98 29.79 -6.96
CA MET B 165 7.34 30.15 -6.58
C MET B 165 7.78 31.40 -7.34
N GLU B 166 8.89 31.97 -6.91
CA GLU B 166 9.41 33.16 -7.57
C GLU B 166 9.87 32.82 -8.98
N HIS B 167 9.72 33.77 -9.89
CA HIS B 167 10.07 33.55 -11.28
C HIS B 167 11.59 33.60 -11.46
N MET B 168 12.13 32.61 -12.18
CA MET B 168 13.56 32.52 -12.43
C MET B 168 13.83 32.91 -13.87
N ASP B 169 14.51 34.06 -14.05
CA ASP B 169 14.70 34.61 -15.38
C ASP B 169 15.52 33.68 -16.27
N GLY B 170 16.63 33.16 -15.74
CA GLY B 170 17.50 32.32 -16.56
C GLY B 170 16.92 30.94 -16.83
N GLY B 171 15.89 30.55 -16.10
CA GLY B 171 15.29 29.25 -16.28
C GLY B 171 16.14 28.17 -15.65
N SER B 172 16.27 27.03 -16.35
CA SER B 172 16.94 25.87 -15.79
C SER B 172 18.26 25.67 -16.49
N LEU B 173 19.18 24.98 -15.80
CA LEU B 173 20.49 24.72 -16.37
C LEU B 173 20.43 23.79 -17.57
N ASP B 174 19.37 22.99 -17.68
CA ASP B 174 19.14 22.23 -18.91
C ASP B 174 18.91 23.18 -20.08
N GLN B 175 18.19 24.27 -19.85
CA GLN B 175 17.98 25.26 -20.91
C GLN B 175 19.30 25.87 -21.34
N VAL B 176 20.17 26.19 -20.39
CA VAL B 176 21.45 26.78 -20.74
C VAL B 176 22.33 25.76 -21.46
N LEU B 177 22.25 24.49 -21.05
CA LEU B 177 22.94 23.43 -21.78
C LEU B 177 22.42 23.31 -23.19
N LYS B 178 21.14 23.60 -23.40
CA LYS B 178 20.63 23.69 -24.77
C LYS B 178 21.19 24.92 -25.47
N LYS B 179 21.39 26.02 -24.74
CA LYS B 179 21.97 27.23 -25.34
C LYS B 179 23.45 27.06 -25.62
N ALA B 180 24.24 26.84 -24.58
CA ALA B 180 25.68 26.66 -24.72
C ALA B 180 25.99 25.18 -24.85
N GLY B 181 26.95 24.85 -25.71
CA GLY B 181 27.29 23.45 -25.93
C GLY B 181 27.74 22.75 -24.66
N ARG B 182 28.61 23.41 -23.89
CA ARG B 182 29.08 22.85 -22.64
C ARG B 182 29.47 23.99 -21.70
N ILE B 183 29.20 23.80 -20.42
CA ILE B 183 29.34 24.88 -19.45
C ILE B 183 30.83 25.13 -19.17
N PRO B 184 31.26 26.38 -19.04
CA PRO B 184 32.64 26.64 -18.62
C PRO B 184 32.91 26.14 -17.21
N GLU B 185 34.17 25.77 -16.98
CA GLU B 185 34.54 25.10 -15.74
C GLU B 185 34.40 26.03 -14.53
N GLN B 186 34.71 27.30 -14.71
CA GLN B 186 34.57 28.28 -13.60
C GLN B 186 33.10 28.36 -13.20
N ILE B 187 32.20 28.49 -14.18
CA ILE B 187 30.77 28.55 -13.89
C ILE B 187 30.31 27.25 -13.25
N LEU B 188 30.85 26.11 -13.70
CA LEU B 188 30.53 24.84 -13.07
C LEU B 188 30.94 24.84 -11.61
N GLY B 189 32.11 25.39 -11.30
CA GLY B 189 32.53 25.49 -9.90
C GLY B 189 31.60 26.34 -9.07
N LYS B 190 31.19 27.48 -9.61
CA LYS B 190 30.22 28.32 -8.89
C LYS B 190 28.90 27.58 -8.68
N VAL B 191 28.47 26.84 -9.71
CA VAL B 191 27.24 26.05 -9.61
C VAL B 191 27.36 25.02 -8.50
N SER B 192 28.49 24.31 -8.45
CA SER B 192 28.70 23.30 -7.41
C SER B 192 28.72 23.93 -6.03
N ILE B 193 29.33 25.12 -5.90
CA ILE B 193 29.32 25.82 -4.62
C ILE B 193 27.89 26.11 -4.19
N ALA B 194 27.08 26.64 -5.12
CA ALA B 194 25.70 26.98 -4.79
C ALA B 194 24.92 25.72 -4.42
N VAL B 195 25.12 24.63 -5.14
CA VAL B 195 24.37 23.40 -4.87
C VAL B 195 24.74 22.83 -3.52
N ILE B 196 26.03 22.81 -3.18
CA ILE B 196 26.43 22.32 -1.87
C ILE B 196 25.86 23.19 -0.78
N LYS B 197 25.88 24.52 -0.98
CA LYS B 197 25.30 25.42 0.00
C LYS B 197 23.82 25.11 0.21
N GLY B 198 23.09 24.92 -0.89
CA GLY B 198 21.67 24.62 -0.76
C GLY B 198 21.41 23.28 -0.09
N LEU B 199 22.16 22.25 -0.48
CA LEU B 199 21.96 20.93 0.10
C LEU B 199 22.25 20.93 1.59
N THR B 200 23.34 21.60 2.01
CA THR B 200 23.63 21.65 3.44
C THR B 200 22.63 22.52 4.17
N TYR B 201 22.12 23.57 3.54
CA TYR B 201 21.07 24.37 4.18
C TYR B 201 19.83 23.51 4.42
N LEU B 202 19.44 22.73 3.41
CA LEU B 202 18.28 21.85 3.59
C LEU B 202 18.53 20.84 4.71
N ARG B 203 19.65 20.13 4.64
CA ARG B 203 19.91 19.06 5.60
C ARG B 203 20.11 19.60 7.00
N GLU B 204 20.49 20.88 7.13
CA GLU B 204 20.70 21.44 8.46
C GLU B 204 19.43 22.04 9.03
N LYS B 205 18.81 23.00 8.35
CA LYS B 205 17.70 23.73 8.91
C LYS B 205 16.34 23.14 8.56
N HIS B 206 16.29 22.05 7.79
CA HIS B 206 15.01 21.44 7.47
C HIS B 206 15.02 19.92 7.51
N LYS B 207 16.19 19.27 7.59
CA LYS B 207 16.28 17.81 7.59
C LYS B 207 15.60 17.23 6.36
N ILE B 208 15.78 17.91 5.23
CA ILE B 208 15.12 17.56 3.98
C ILE B 208 16.17 17.19 2.96
N MET B 209 15.97 16.07 2.28
CA MET B 209 16.83 15.66 1.18
C MET B 209 16.19 16.08 -0.14
N HIS B 210 16.98 16.67 -1.04
CA HIS B 210 16.45 17.14 -2.35
C HIS B 210 15.85 15.98 -3.12
N ARG B 211 16.57 14.86 -3.26
CA ARG B 211 16.11 13.65 -3.92
C ARG B 211 15.93 13.88 -5.43
N ASP B 212 16.17 15.11 -5.90
CA ASP B 212 15.93 15.45 -7.30
C ASP B 212 16.98 16.43 -7.81
N VAL B 213 18.26 16.22 -7.48
CA VAL B 213 19.29 17.12 -7.99
C VAL B 213 19.53 16.82 -9.46
N LYS B 214 19.08 17.72 -10.33
CA LYS B 214 19.15 17.56 -11.77
C LYS B 214 19.48 18.89 -12.42
N PRO B 215 19.95 18.86 -13.67
CA PRO B 215 20.16 20.13 -14.40
C PRO B 215 18.88 20.92 -14.57
N SER B 216 17.74 20.23 -14.69
CA SER B 216 16.46 20.89 -14.86
C SER B 216 15.91 21.45 -13.56
N ASN B 217 16.46 21.07 -12.41
CA ASN B 217 15.95 21.49 -11.12
C ASN B 217 16.83 22.54 -10.46
N ILE B 218 17.84 23.00 -11.18
CA ILE B 218 18.68 24.11 -10.65
C ILE B 218 18.33 25.35 -11.50
N LEU B 219 17.99 26.47 -10.87
CA LEU B 219 17.51 27.65 -11.56
C LEU B 219 18.45 28.82 -11.36
N VAL B 220 18.50 29.70 -12.36
CA VAL B 220 19.43 30.82 -12.36
C VAL B 220 18.66 32.11 -12.59
N ASN B 221 19.28 33.21 -12.18
CA ASN B 221 18.68 34.53 -12.28
C ASN B 221 19.49 35.43 -13.18
N SER B 222 18.86 36.51 -13.64
CA SER B 222 19.56 37.53 -14.41
C SER B 222 20.62 38.24 -13.58
N ARG B 223 20.47 38.25 -12.26
CA ARG B 223 21.45 38.86 -11.38
C ARG B 223 22.57 37.90 -10.99
N GLY B 224 22.56 36.68 -11.51
CA GLY B 224 23.64 35.74 -11.28
C GLY B 224 23.40 34.74 -10.18
N GLU B 225 22.27 34.80 -9.49
CA GLU B 225 22.00 33.87 -8.41
C GLU B 225 21.71 32.48 -8.95
N ILE B 226 22.01 31.47 -8.13
CA ILE B 226 21.72 30.06 -8.43
C ILE B 226 20.95 29.49 -7.25
N LYS B 227 19.85 28.78 -7.54
CA LYS B 227 18.95 28.32 -6.49
C LYS B 227 18.40 26.94 -6.83
N LEU B 228 17.86 26.29 -5.80
CA LEU B 228 17.32 24.94 -5.90
C LEU B 228 15.81 24.95 -5.87
N CYS B 229 15.21 24.05 -6.64
CA CYS B 229 13.77 23.87 -6.65
C CYS B 229 13.47 22.39 -6.84
N ASP B 230 12.22 22.02 -6.59
CA ASP B 230 11.71 20.67 -6.82
C ASP B 230 12.43 19.66 -5.93
N PHE B 231 12.57 20.00 -4.66
CA PHE B 231 13.11 19.11 -3.65
C PHE B 231 11.98 18.56 -2.79
N GLY B 232 12.23 17.39 -2.21
CA GLY B 232 11.18 16.61 -1.59
C GLY B 232 10.74 17.09 -0.23
N VAL B 233 10.02 18.20 -0.20
CA VAL B 233 9.47 18.73 1.04
C VAL B 233 8.31 17.86 1.55
N SER B 234 7.44 17.44 0.66
CA SER B 234 6.22 16.75 1.02
C SER B 234 6.37 15.27 0.72
N GLY B 235 6.40 14.45 1.76
CA GLY B 235 6.52 13.01 1.55
C GLY B 235 5.30 12.43 0.84
N GLN B 236 4.11 12.87 1.24
CA GLN B 236 2.90 12.39 0.58
C GLN B 236 2.89 12.78 -0.89
N LEU B 237 3.41 13.97 -1.20
CA LEU B 237 3.50 14.38 -2.60
C LEU B 237 4.44 13.47 -3.38
N ILE B 238 5.55 13.06 -2.77
CA ILE B 238 6.45 12.12 -3.41
C ILE B 238 5.74 10.79 -3.64
N ASP B 239 4.98 10.34 -2.64
CA ASP B 239 4.23 9.10 -2.80
C ASP B 239 3.22 9.20 -3.93
N ALA B 240 2.59 10.36 -4.08
CA ALA B 240 1.65 10.56 -5.19
C ALA B 240 2.36 10.53 -6.53
N MET B 241 3.47 11.27 -6.64
CA MET B 241 4.22 11.30 -7.90
C MET B 241 4.88 9.98 -8.21
N ALA B 242 4.93 9.05 -7.25
CA ALA B 242 5.38 7.70 -7.53
C ALA B 242 4.55 7.06 -8.63
N ASN B 243 3.28 7.48 -8.75
CA ASN B 243 2.49 7.05 -9.91
C ASN B 243 2.61 8.09 -11.03
N ALA B 244 3.64 7.95 -11.85
CA ALA B 244 3.83 8.78 -13.03
C ALA B 244 4.26 7.90 -14.18
N PHE B 245 4.40 8.52 -15.34
CA PHE B 245 4.73 7.80 -16.56
C PHE B 245 6.23 7.55 -16.65
N VAL B 246 6.60 6.64 -17.56
CA VAL B 246 8.00 6.27 -17.70
C VAL B 246 8.81 7.48 -18.13
N GLY B 247 10.12 7.44 -17.81
CA GLY B 247 11.02 8.51 -18.16
C GLY B 247 11.97 8.14 -19.28
N THR B 248 12.83 9.12 -19.62
CA THR B 248 13.88 8.92 -20.60
C THR B 248 15.25 8.80 -19.97
N ARG B 249 15.63 9.77 -19.15
CA ARG B 249 16.94 9.80 -18.51
C ARG B 249 16.73 9.99 -17.02
N SER B 250 17.73 9.55 -16.25
CA SER B 250 17.55 9.48 -14.81
C SER B 250 18.80 10.00 -14.11
N TYR B 251 18.58 10.60 -12.95
CA TYR B 251 19.63 11.10 -12.09
C TYR B 251 19.58 10.41 -10.73
N MET B 252 19.34 9.10 -10.75
CA MET B 252 19.20 8.30 -9.53
C MET B 252 20.52 7.60 -9.20
N SER B 253 20.96 7.77 -7.95
CA SER B 253 22.15 7.10 -7.51
C SER B 253 21.92 5.60 -7.42
N PRO B 254 22.93 4.79 -7.74
CA PRO B 254 22.69 3.34 -7.82
C PRO B 254 22.20 2.73 -6.52
N GLU B 255 22.56 3.31 -5.37
CA GLU B 255 21.99 2.82 -4.12
C GLU B 255 20.50 3.09 -4.05
N ARG B 256 20.05 4.23 -4.57
CA ARG B 256 18.61 4.53 -4.55
C ARG B 256 17.86 3.63 -5.52
N LEU B 257 18.48 3.25 -6.64
CA LEU B 257 17.84 2.28 -7.52
C LEU B 257 17.79 0.90 -6.89
N GLN B 258 18.72 0.58 -5.99
CA GLN B 258 18.77 -0.71 -5.33
C GLN B 258 17.91 -0.76 -4.08
N GLY B 259 16.95 0.13 -3.94
CA GLY B 259 16.11 0.16 -2.75
C GLY B 259 16.87 0.49 -1.50
N THR B 260 17.82 1.44 -1.61
CA THR B 260 18.66 1.81 -0.44
C THR B 260 18.78 3.31 -0.42
N HIS B 261 19.21 3.88 0.71
CA HIS B 261 19.28 5.36 0.83
C HIS B 261 20.34 5.74 1.86
N TYR B 262 21.33 6.54 1.45
CA TYR B 262 22.41 6.97 2.40
C TYR B 262 22.27 8.48 2.63
N SER B 263 21.13 8.92 3.16
CA SER B 263 20.94 10.35 3.50
C SER B 263 21.32 11.29 2.36
N VAL B 264 22.34 12.12 2.55
CA VAL B 264 22.71 13.14 1.57
C VAL B 264 23.68 12.63 0.51
N GLN B 265 24.28 11.47 0.69
CA GLN B 265 25.22 10.95 -0.30
C GLN B 265 24.56 10.73 -1.65
N SER B 266 23.30 10.31 -1.65
CA SER B 266 22.58 10.16 -2.92
C SER B 266 22.41 11.50 -3.62
N ASP B 267 22.03 12.54 -2.87
CA ASP B 267 21.96 13.86 -3.48
C ASP B 267 23.31 14.30 -3.99
N ILE B 268 24.39 13.93 -3.30
CA ILE B 268 25.73 14.28 -3.76
C ILE B 268 26.05 13.56 -5.07
N TRP B 269 25.65 12.30 -5.18
CA TRP B 269 25.86 11.56 -6.43
C TRP B 269 25.08 12.21 -7.56
N SER B 270 23.85 12.65 -7.29
CA SER B 270 23.09 13.37 -8.30
C SER B 270 23.79 14.66 -8.70
N MET B 271 24.34 15.39 -7.72
CA MET B 271 25.08 16.61 -8.01
C MET B 271 26.26 16.32 -8.92
N GLY B 272 26.99 15.25 -8.61
CA GLY B 272 28.15 14.90 -9.43
C GLY B 272 27.75 14.56 -10.85
N LEU B 273 26.67 13.81 -11.02
CA LEU B 273 26.22 13.46 -12.36
C LEU B 273 25.74 14.69 -13.12
N SER B 274 25.07 15.61 -12.42
CA SER B 274 24.65 16.86 -13.06
C SER B 274 25.84 17.67 -13.53
N LEU B 275 26.87 17.80 -12.69
CA LEU B 275 28.05 18.54 -13.09
C LEU B 275 28.76 17.87 -14.26
N VAL B 276 28.79 16.54 -14.28
CA VAL B 276 29.41 15.84 -15.40
C VAL B 276 28.61 16.07 -16.69
N GLU B 277 27.28 15.96 -16.62
CA GLU B 277 26.47 16.16 -17.81
C GLU B 277 26.50 17.60 -18.27
N MET B 278 26.77 18.54 -17.38
CA MET B 278 26.92 19.93 -17.78
C MET B 278 28.31 20.23 -18.34
N ALA B 279 29.35 19.53 -17.87
CA ALA B 279 30.68 19.75 -18.41
C ALA B 279 30.79 19.25 -19.84
N VAL B 280 30.33 18.03 -20.10
CA VAL B 280 30.32 17.49 -21.45
C VAL B 280 29.00 17.92 -22.10
N GLY B 281 28.95 17.95 -23.42
CA GLY B 281 27.75 18.37 -24.10
C GLY B 281 26.80 17.24 -24.41
N ARG B 282 26.63 16.33 -23.45
CA ARG B 282 25.82 15.14 -23.69
C ARG B 282 25.48 14.51 -22.35
N TYR B 283 24.53 13.58 -22.39
CA TYR B 283 24.23 12.78 -21.21
C TYR B 283 25.32 11.72 -21.07
N PRO B 284 26.07 11.71 -19.97
CA PRO B 284 27.28 10.87 -19.90
C PRO B 284 27.03 9.42 -19.56
N ILE B 285 25.81 9.07 -19.15
CA ILE B 285 25.54 7.72 -18.67
C ILE B 285 25.85 6.66 -19.74
N PRO B 286 25.54 6.86 -21.04
CA PRO B 286 26.03 5.95 -22.07
C PRO B 286 27.32 6.68 -22.41
N PRO B 287 28.48 6.35 -21.80
CA PRO B 287 29.71 7.12 -22.02
C PRO B 287 30.24 6.93 -23.43
N PRO B 288 30.76 7.99 -24.05
CA PRO B 288 31.23 7.96 -25.44
C PRO B 288 32.26 6.88 -25.72
N PRO B 329 20.53 5.67 -28.96
CA PRO B 329 20.31 5.92 -27.53
C PRO B 329 19.93 4.64 -26.80
N MET B 330 19.75 4.72 -25.48
CA MET B 330 19.37 3.58 -24.67
C MET B 330 18.12 3.90 -23.86
N ALA B 331 17.31 2.86 -23.63
CA ALA B 331 16.08 3.02 -22.86
C ALA B 331 16.41 3.37 -21.41
N ILE B 332 15.40 3.88 -20.70
CA ILE B 332 15.62 4.32 -19.32
C ILE B 332 16.02 3.14 -18.45
N PHE B 333 15.45 1.97 -18.71
CA PHE B 333 15.86 0.79 -17.94
C PHE B 333 17.32 0.45 -18.18
N GLU B 334 17.77 0.53 -19.43
CA GLU B 334 19.17 0.22 -19.71
C GLU B 334 20.09 1.26 -19.07
N LEU B 335 19.66 2.52 -19.05
CA LEU B 335 20.43 3.55 -18.34
C LEU B 335 20.56 3.22 -16.87
N LEU B 336 19.46 2.79 -16.24
CA LEU B 336 19.52 2.45 -14.82
C LEU B 336 20.40 1.23 -14.58
N ASP B 337 20.27 0.22 -15.44
CA ASP B 337 21.10 -0.97 -15.31
C ASP B 337 22.57 -0.63 -15.45
N TYR B 338 22.89 0.31 -16.34
CA TYR B 338 24.28 0.75 -16.47
C TYR B 338 24.74 1.47 -15.22
N ILE B 339 23.99 2.46 -14.76
CA ILE B 339 24.44 3.24 -13.60
C ILE B 339 24.41 2.44 -12.32
N VAL B 340 23.84 1.25 -12.34
CA VAL B 340 23.96 0.36 -11.19
C VAL B 340 25.14 -0.60 -11.34
N ASN B 341 25.29 -1.21 -12.53
CA ASN B 341 26.24 -2.31 -12.71
C ASN B 341 27.43 -1.95 -13.57
N GLU B 342 27.81 -0.69 -13.64
CA GLU B 342 28.95 -0.26 -14.44
C GLU B 342 29.74 0.81 -13.70
N PRO B 343 31.00 1.02 -14.09
CA PRO B 343 31.80 2.01 -13.40
C PRO B 343 31.21 3.40 -13.55
N PRO B 344 31.39 4.27 -12.56
CA PRO B 344 30.81 5.60 -12.64
C PRO B 344 31.43 6.39 -13.77
N PRO B 345 30.69 7.32 -14.37
CA PRO B 345 31.25 8.13 -15.46
C PRO B 345 32.28 9.10 -14.92
N LYS B 346 33.18 9.50 -15.83
CA LYS B 346 34.26 10.41 -15.47
C LYS B 346 34.39 11.47 -16.54
N LEU B 347 34.92 12.62 -16.14
CA LEU B 347 35.19 13.68 -17.11
C LEU B 347 36.27 13.24 -18.08
N PRO B 348 36.18 13.66 -19.35
CA PRO B 348 37.27 13.37 -20.29
C PRO B 348 38.52 14.14 -19.87
N SER B 349 39.60 13.40 -19.64
CA SER B 349 40.84 14.01 -19.18
C SER B 349 41.49 14.82 -20.29
N GLY B 350 42.32 15.78 -19.89
CA GLY B 350 43.06 16.60 -20.81
C GLY B 350 42.37 17.88 -21.22
N VAL B 351 41.10 18.04 -20.85
CA VAL B 351 40.35 19.24 -21.21
C VAL B 351 39.75 19.85 -19.95
N PHE B 352 40.15 19.34 -18.79
CA PHE B 352 39.66 19.84 -17.52
C PHE B 352 40.78 19.82 -16.48
N SER B 353 40.68 20.71 -15.51
CA SER B 353 41.68 20.79 -14.45
C SER B 353 41.58 19.56 -13.53
N LEU B 354 42.67 19.30 -12.81
CA LEU B 354 42.73 18.10 -11.98
C LEU B 354 41.80 18.19 -10.77
N GLU B 355 41.68 19.38 -10.18
CA GLU B 355 40.84 19.52 -9.00
C GLU B 355 39.40 19.19 -9.31
N PHE B 356 38.90 19.65 -10.46
CA PHE B 356 37.53 19.36 -10.86
C PHE B 356 37.31 17.87 -11.07
N GLN B 357 38.23 17.22 -11.79
CA GLN B 357 38.09 15.79 -12.05
C GLN B 357 38.10 15.00 -10.75
N ASP B 358 38.99 15.36 -9.83
CA ASP B 358 39.02 14.69 -8.53
C ASP B 358 37.72 14.94 -7.76
N PHE B 359 37.19 16.16 -7.81
CA PHE B 359 35.95 16.46 -7.13
C PHE B 359 34.82 15.60 -7.65
N VAL B 360 34.68 15.51 -8.97
CA VAL B 360 33.57 14.74 -9.54
C VAL B 360 33.78 13.25 -9.32
N ASN B 361 35.03 12.79 -9.30
CA ASN B 361 35.28 11.39 -9.00
C ASN B 361 34.95 11.08 -7.55
N LYS B 362 35.16 12.05 -6.65
CA LYS B 362 34.69 11.93 -5.28
C LYS B 362 33.17 11.89 -5.23
N CYS B 363 32.50 12.68 -6.05
CA CYS B 363 31.03 12.72 -6.00
C CYS B 363 30.42 11.48 -6.64
N LEU B 364 31.07 10.92 -7.66
CA LEU B 364 30.54 9.74 -8.35
C LEU B 364 31.23 8.47 -7.85
N ILE B 365 30.86 8.06 -6.64
CA ILE B 365 31.40 6.88 -6.00
C ILE B 365 30.27 5.90 -5.74
N LYS B 366 30.45 4.65 -6.16
CA LYS B 366 29.40 3.65 -6.01
C LYS B 366 29.09 3.36 -4.56
N ASN B 367 30.12 3.22 -3.72
CA ASN B 367 29.90 2.93 -2.31
C ASN B 367 29.55 4.21 -1.55
N PRO B 368 28.39 4.29 -0.91
CA PRO B 368 28.00 5.53 -0.22
C PRO B 368 28.95 5.96 0.88
N ALA B 369 29.54 5.02 1.61
CA ALA B 369 30.45 5.40 2.69
C ALA B 369 31.70 6.08 2.14
N GLU B 370 32.29 5.52 1.08
CA GLU B 370 33.47 6.13 0.48
C GLU B 370 33.15 7.43 -0.23
N ARG B 371 31.92 7.59 -0.70
CA ARG B 371 31.50 8.85 -1.30
C ARG B 371 31.61 9.98 -0.29
N ALA B 372 32.23 11.06 -0.70
CA ALA B 372 32.46 12.18 0.20
C ALA B 372 31.14 12.81 0.60
N ASP B 373 31.05 13.24 1.86
CA ASP B 373 29.87 13.93 2.32
C ASP B 373 30.00 15.41 2.00
N LEU B 374 29.07 16.21 2.54
CA LEU B 374 29.10 17.64 2.28
C LEU B 374 30.34 18.30 2.84
N LYS B 375 30.78 17.86 4.03
CA LYS B 375 31.91 18.51 4.68
C LYS B 375 33.20 18.34 3.89
N GLN B 376 33.44 17.13 3.37
CA GLN B 376 34.65 16.91 2.57
C GLN B 376 34.62 17.72 1.29
N LEU B 377 33.46 17.81 0.65
CA LEU B 377 33.35 18.56 -0.60
C LEU B 377 33.51 20.05 -0.36
N MET B 378 33.06 20.55 0.80
CA MET B 378 33.15 21.98 1.06
C MET B 378 34.61 22.45 1.08
N VAL B 379 35.51 21.62 1.61
CA VAL B 379 36.90 22.01 1.72
C VAL B 379 37.74 21.35 0.63
N HIS B 380 37.10 20.73 -0.34
CA HIS B 380 37.81 20.13 -1.45
C HIS B 380 38.51 21.22 -2.26
N ALA B 381 39.62 20.84 -2.90
CA ALA B 381 40.49 21.83 -3.56
C ALA B 381 39.76 22.54 -4.69
N PHE B 382 38.98 21.80 -5.49
CA PHE B 382 38.27 22.42 -6.61
C PHE B 382 37.29 23.49 -6.12
N ILE B 383 36.55 23.19 -5.05
CA ILE B 383 35.59 24.15 -4.53
C ILE B 383 36.28 25.42 -4.05
N LYS B 384 37.41 25.26 -3.34
CA LYS B 384 38.15 26.42 -2.88
C LYS B 384 38.67 27.24 -4.06
N ARG B 385 39.19 26.56 -5.08
CA ARG B 385 39.69 27.27 -6.26
C ARG B 385 38.56 28.03 -6.95
N SER B 386 37.39 27.40 -7.05
CA SER B 386 36.24 28.06 -7.66
C SER B 386 35.80 29.28 -6.84
N ASP B 387 35.80 29.14 -5.52
CA ASP B 387 35.39 30.25 -4.66
C ASP B 387 36.36 31.42 -4.79
N ALA B 388 37.66 31.13 -4.85
CA ALA B 388 38.63 32.20 -4.98
C ALA B 388 38.48 32.94 -6.30
N GLU B 389 38.22 32.21 -7.39
CA GLU B 389 38.11 32.83 -8.70
C GLU B 389 36.88 33.74 -8.77
N GLU B 390 37.03 34.84 -9.49
CA GLU B 390 35.92 35.76 -9.78
C GLU B 390 35.43 35.49 -11.19
N VAL B 391 34.17 35.09 -11.30
CA VAL B 391 33.56 34.75 -12.58
C VAL B 391 32.34 35.63 -12.79
N ASP B 392 32.27 36.28 -13.94
CA ASP B 392 31.11 37.10 -14.29
C ASP B 392 30.02 36.17 -14.81
N PHE B 393 29.40 35.47 -13.86
CA PHE B 393 28.39 34.48 -14.21
C PHE B 393 27.19 35.12 -14.87
N ALA B 394 26.75 36.28 -14.36
CA ALA B 394 25.59 36.95 -14.94
C ALA B 394 25.86 37.37 -16.38
N GLY B 395 27.03 37.94 -16.65
CA GLY B 395 27.34 38.36 -18.01
C GLY B 395 27.44 37.17 -18.96
N TRP B 396 28.10 36.10 -18.52
CA TRP B 396 28.19 34.90 -19.35
C TRP B 396 26.81 34.34 -19.63
N LEU B 397 25.94 34.33 -18.62
CA LEU B 397 24.58 33.83 -18.82
C LEU B 397 23.82 34.68 -19.83
N CYS B 398 23.91 36.00 -19.70
CA CYS B 398 23.23 36.90 -20.63
C CYS B 398 23.76 36.69 -22.05
N SER B 399 25.06 36.43 -22.18
CA SER B 399 25.63 36.16 -23.49
C SER B 399 25.11 34.84 -24.07
N THR B 400 25.09 33.77 -23.28
CA THR B 400 24.77 32.47 -23.82
C THR B 400 23.27 32.28 -24.04
N ILE B 401 22.43 33.09 -23.40
CA ILE B 401 20.99 32.99 -23.61
C ILE B 401 20.40 34.20 -24.31
N GLY B 402 21.13 35.29 -24.43
CA GLY B 402 20.61 36.50 -25.06
C GLY B 402 19.63 37.23 -24.16
N ASP C 4 3.13 -39.87 12.11
CA ASP C 4 3.63 -39.21 10.91
C ASP C 4 3.86 -37.72 11.16
N LYS C 5 4.93 -37.19 10.59
CA LYS C 5 5.24 -35.77 10.72
C LYS C 5 4.47 -34.90 9.76
N GLU C 6 4.19 -35.40 8.55
CA GLU C 6 3.55 -34.57 7.54
C GLU C 6 2.15 -34.13 7.97
N GLU C 7 1.40 -35.03 8.60
CA GLU C 7 0.05 -34.67 9.05
C GLU C 7 0.09 -33.58 10.11
N LEU C 8 1.05 -33.68 11.05
CA LEU C 8 1.14 -32.66 12.09
C LEU C 8 1.50 -31.31 11.50
N VAL C 9 2.41 -31.29 10.51
CA VAL C 9 2.76 -30.04 9.86
C VAL C 9 1.59 -29.47 9.08
N GLN C 10 0.85 -30.34 8.39
CA GLN C 10 -0.33 -29.88 7.66
C GLN C 10 -1.36 -29.30 8.60
N ARG C 11 -1.54 -29.93 9.76
CA ARG C 11 -2.48 -29.42 10.77
C ARG C 11 -2.04 -28.07 11.30
N ALA C 12 -0.74 -27.92 11.60
CA ALA C 12 -0.26 -26.64 12.10
C ALA C 12 -0.43 -25.55 11.05
N LYS C 13 -0.13 -25.86 9.79
CA LYS C 13 -0.35 -24.90 8.71
C LYS C 13 -1.83 -24.55 8.58
N LEU C 14 -2.70 -25.54 8.73
CA LEU C 14 -4.14 -25.31 8.62
C LEU C 14 -4.62 -24.37 9.73
N ALA C 15 -4.16 -24.61 10.96
CA ALA C 15 -4.50 -23.71 12.05
C ALA C 15 -3.91 -22.32 11.82
N GLU C 16 -2.75 -22.25 11.17
CA GLU C 16 -2.21 -20.95 10.79
C GLU C 16 -3.14 -20.24 9.83
N GLN C 17 -3.61 -20.95 8.81
CA GLN C 17 -4.54 -20.36 7.84
C GLN C 17 -5.85 -19.96 8.48
N ALA C 18 -6.22 -20.59 9.60
CA ALA C 18 -7.46 -20.28 10.29
C ALA C 18 -7.30 -19.12 11.26
N GLU C 19 -6.13 -18.49 11.32
CA GLU C 19 -5.85 -17.40 12.24
C GLU C 19 -6.06 -17.81 13.69
N ARG C 20 -5.74 -19.06 14.00
CA ARG C 20 -5.74 -19.57 15.36
C ARG C 20 -4.30 -19.90 15.72
N TYR C 21 -3.80 -19.31 16.81
CA TYR C 21 -2.39 -19.41 17.16
C TYR C 21 -2.21 -20.05 18.53
N ASP C 22 -3.14 -20.92 18.91
CA ASP C 22 -2.97 -21.72 20.12
C ASP C 22 -2.88 -23.19 19.80
N ASP C 23 -3.77 -23.69 18.94
CA ASP C 23 -3.60 -25.04 18.41
C ASP C 23 -2.36 -25.12 17.53
N MET C 24 -2.00 -24.00 16.89
CA MET C 24 -0.79 -23.99 16.08
C MET C 24 0.45 -24.14 16.96
N ALA C 25 0.55 -23.35 18.02
CA ALA C 25 1.71 -23.42 18.88
C ALA C 25 1.83 -24.79 19.53
N ALA C 26 0.70 -25.33 20.02
CA ALA C 26 0.75 -26.65 20.63
C ALA C 26 1.11 -27.73 19.62
N ALA C 27 0.56 -27.64 18.41
CA ALA C 27 0.90 -28.62 17.39
C ALA C 27 2.38 -28.58 17.05
N MET C 28 2.93 -27.38 16.91
CA MET C 28 4.35 -27.29 16.58
C MET C 28 5.23 -27.70 17.74
N LYS C 29 4.82 -27.41 18.98
CA LYS C 29 5.55 -27.89 20.13
C LYS C 29 5.54 -29.40 20.19
N GLU C 30 4.42 -30.02 19.86
CA GLU C 30 4.37 -31.47 19.76
C GLU C 30 5.31 -31.98 18.68
N VAL C 31 5.38 -31.28 17.55
CA VAL C 31 6.33 -31.65 16.51
C VAL C 31 7.76 -31.58 17.05
N THR C 32 8.06 -30.54 17.82
CA THR C 32 9.38 -30.40 18.42
C THR C 32 9.67 -31.53 19.41
N GLU C 33 8.66 -31.91 20.20
CA GLU C 33 8.80 -33.00 21.17
C GLU C 33 9.16 -34.32 20.51
N THR C 34 8.88 -34.47 19.21
CA THR C 34 9.33 -35.66 18.50
C THR C 34 10.85 -35.78 18.51
N GLY C 35 11.55 -34.68 18.72
CA GLY C 35 13.00 -34.73 18.83
C GLY C 35 13.70 -34.95 17.51
N VAL C 36 13.03 -34.68 16.40
CA VAL C 36 13.62 -34.80 15.07
C VAL C 36 13.97 -33.40 14.58
N GLU C 37 15.02 -33.33 13.78
CA GLU C 37 15.53 -32.04 13.34
C GLU C 37 14.59 -31.41 12.31
N LEU C 38 14.34 -30.11 12.46
CA LEU C 38 13.42 -29.40 11.59
C LEU C 38 14.02 -29.21 10.20
N SER C 39 13.15 -28.97 9.22
CA SER C 39 13.60 -28.51 7.92
C SER C 39 13.52 -26.99 7.87
N ASN C 40 13.97 -26.39 6.77
CA ASN C 40 13.94 -24.94 6.67
C ASN C 40 12.52 -24.40 6.68
N GLU C 41 11.61 -25.07 5.96
CA GLU C 41 10.23 -24.60 5.90
C GLU C 41 9.56 -24.72 7.26
N GLU C 42 9.71 -25.85 7.93
CA GLU C 42 9.00 -26.11 9.18
C GLU C 42 9.39 -25.13 10.28
N ARG C 43 10.63 -24.65 10.26
CA ARG C 43 11.10 -23.70 11.26
C ARG C 43 10.33 -22.39 11.17
N ASN C 44 9.96 -21.99 9.97
CA ASN C 44 9.25 -20.73 9.78
C ASN C 44 7.90 -20.75 10.48
N LEU C 45 7.17 -21.86 10.36
CA LEU C 45 5.87 -21.95 11.00
C LEU C 45 6.00 -21.84 12.51
N LEU C 46 6.98 -22.54 13.08
CA LEU C 46 7.22 -22.47 14.52
C LEU C 46 7.52 -21.04 14.94
N SER C 47 8.42 -20.39 14.23
CA SER C 47 8.80 -19.02 14.57
C SER C 47 7.60 -18.10 14.51
N VAL C 48 6.82 -18.18 13.43
CA VAL C 48 5.69 -17.28 13.25
C VAL C 48 4.63 -17.52 14.33
N ALA C 49 4.33 -18.79 14.61
CA ALA C 49 3.31 -19.10 15.59
C ALA C 49 3.68 -18.55 16.96
N TYR C 50 4.87 -18.93 17.45
CA TYR C 50 5.23 -18.44 18.77
C TYR C 50 5.53 -16.95 18.77
N LYS C 51 5.73 -16.35 17.60
CA LYS C 51 5.88 -14.91 17.53
C LYS C 51 4.53 -14.22 17.71
N ASN C 52 3.49 -14.72 17.06
CA ASN C 52 2.17 -14.13 17.20
C ASN C 52 1.64 -14.30 18.61
N VAL C 53 1.85 -15.48 19.19
CA VAL C 53 1.40 -15.73 20.55
C VAL C 53 2.01 -14.71 21.50
N VAL C 54 3.31 -14.48 21.37
CA VAL C 54 3.98 -13.54 22.26
C VAL C 54 3.57 -12.11 21.96
N GLY C 55 3.42 -11.77 20.68
CA GLY C 55 3.09 -10.39 20.33
C GLY C 55 1.73 -9.97 20.84
N ALA C 56 0.77 -10.89 20.83
CA ALA C 56 -0.54 -10.55 21.36
C ALA C 56 -0.44 -10.14 22.82
N ARG C 57 0.24 -10.95 23.63
CA ARG C 57 0.38 -10.61 25.04
C ARG C 57 1.26 -9.38 25.23
N ARG C 58 2.22 -9.15 24.34
CA ARG C 58 3.06 -7.97 24.45
C ARG C 58 2.23 -6.71 24.26
N SER C 59 1.41 -6.69 23.20
CA SER C 59 0.54 -5.55 22.97
C SER C 59 -0.43 -5.36 24.13
N SER C 60 -0.98 -6.47 24.63
CA SER C 60 -1.87 -6.39 25.77
C SER C 60 -1.16 -5.77 26.98
N TRP C 61 0.07 -6.21 27.24
CA TRP C 61 0.83 -5.68 28.35
C TRP C 61 1.12 -4.20 28.15
N ARG C 62 1.44 -3.80 26.92
CA ARG C 62 1.71 -2.41 26.64
C ARG C 62 0.48 -1.54 26.93
N VAL C 63 -0.69 -1.98 26.46
CA VAL C 63 -1.88 -1.16 26.69
C VAL C 63 -2.28 -1.17 28.15
N ILE C 64 -2.09 -2.29 28.84
CA ILE C 64 -2.38 -2.33 30.28
C ILE C 64 -1.47 -1.37 31.03
N SER C 65 -0.18 -1.37 30.71
CA SER C 65 0.75 -0.48 31.39
C SER C 65 0.46 0.98 31.05
N SER C 66 0.06 1.25 29.80
CA SER C 66 -0.30 2.62 29.44
C SER C 66 -1.51 3.07 30.24
N ILE C 67 -2.53 2.21 30.39
CA ILE C 67 -3.69 2.58 31.18
C ILE C 67 -3.29 2.78 32.64
N GLU C 68 -2.39 1.93 33.14
CA GLU C 68 -1.96 2.04 34.53
C GLU C 68 -1.23 3.35 34.78
N GLN C 69 -0.42 3.79 33.83
CA GLN C 69 0.24 5.09 33.94
C GLN C 69 -0.68 6.24 33.57
N LYS C 70 -1.85 5.94 32.98
CA LYS C 70 -2.75 7.01 32.52
C LYS C 70 -3.78 7.35 33.60
N THR C 71 -4.22 6.36 34.40
CA THR C 71 -5.27 6.60 35.37
C THR C 71 -4.85 7.65 36.38
N GLU C 72 -3.68 7.47 37.00
CA GLU C 72 -3.06 8.44 37.91
C GLU C 72 -4.06 8.91 38.98
N GLY C 73 -4.61 7.94 39.71
CA GLY C 73 -5.58 8.22 40.74
C GLY C 73 -5.22 7.52 42.04
N SER C 74 -6.24 7.38 42.89
CA SER C 74 -6.09 6.70 44.18
C SER C 74 -7.38 5.92 44.43
N GLU C 75 -7.39 4.67 43.98
CA GLU C 75 -8.58 3.83 44.07
C GLU C 75 -8.18 2.40 43.76
N ARG C 76 -9.17 1.51 43.76
CA ARG C 76 -8.92 0.10 43.52
C ARG C 76 -8.74 -0.23 42.05
N LYS C 77 -9.07 0.70 41.15
CA LYS C 77 -8.89 0.44 39.73
C LYS C 77 -7.43 0.21 39.39
N GLN C 78 -6.53 1.02 39.96
CA GLN C 78 -5.11 0.85 39.70
C GLN C 78 -4.60 -0.48 40.24
N GLN C 79 -5.06 -0.87 41.43
CA GLN C 79 -4.65 -2.15 41.99
C GLN C 79 -5.14 -3.31 41.13
N MET C 80 -6.38 -3.24 40.65
CA MET C 80 -6.90 -4.31 39.81
C MET C 80 -6.19 -4.35 38.46
N ALA C 81 -5.86 -3.18 37.92
CA ALA C 81 -5.07 -3.14 36.70
C ALA C 81 -3.71 -3.77 36.90
N LYS C 82 -3.07 -3.50 38.04
CA LYS C 82 -1.80 -4.15 38.36
C LYS C 82 -1.96 -5.66 38.45
N GLU C 83 -3.05 -6.11 39.07
CA GLU C 83 -3.28 -7.56 39.17
C GLU C 83 -3.44 -8.17 37.79
N TYR C 84 -4.20 -7.52 36.92
CA TYR C 84 -4.37 -8.06 35.57
C TYR C 84 -3.05 -8.02 34.80
N ARG C 85 -2.26 -6.98 35.02
CA ARG C 85 -0.95 -6.89 34.38
C ARG C 85 -0.07 -8.06 34.80
N VAL C 86 -0.03 -8.37 36.09
CA VAL C 86 0.82 -9.46 36.53
C VAL C 86 0.27 -10.79 36.04
N LYS C 87 -1.05 -10.90 35.89
CA LYS C 87 -1.64 -12.12 35.36
C LYS C 87 -1.18 -12.37 33.92
N VAL C 88 -1.35 -11.37 33.06
CA VAL C 88 -0.94 -11.54 31.67
C VAL C 88 0.57 -11.70 31.57
N GLU C 89 1.31 -11.02 32.45
CA GLU C 89 2.75 -11.14 32.49
C GLU C 89 3.18 -12.57 32.83
N LYS C 90 2.50 -13.19 33.78
CA LYS C 90 2.78 -14.58 34.11
C LYS C 90 2.46 -15.49 32.93
N GLU C 91 1.37 -15.21 32.23
CA GLU C 91 1.06 -16.00 31.04
C GLU C 91 2.18 -15.88 30.01
N LEU C 92 2.66 -14.66 29.77
CA LEU C 92 3.75 -14.46 28.82
C LEU C 92 5.01 -15.19 29.26
N ARG C 93 5.31 -15.13 30.56
CA ARG C 93 6.48 -15.83 31.08
C ARG C 93 6.37 -17.33 30.81
N GLU C 94 5.19 -17.90 31.06
CA GLU C 94 5.01 -19.32 30.81
C GLU C 94 5.22 -19.65 29.33
N ILE C 95 4.69 -18.80 28.45
CA ILE C 95 4.86 -19.05 27.02
C ILE C 95 6.35 -19.07 26.66
N CYS C 96 7.08 -18.05 27.09
CA CYS C 96 8.48 -17.96 26.72
C CYS C 96 9.30 -19.10 27.31
N TYR C 97 9.01 -19.48 28.56
CA TYR C 97 9.75 -20.59 29.16
C TYR C 97 9.48 -21.90 28.42
N ASP C 98 8.23 -22.13 28.02
CA ASP C 98 7.93 -23.30 27.22
C ASP C 98 8.69 -23.25 25.91
N VAL C 99 8.77 -22.07 25.29
CA VAL C 99 9.52 -21.92 24.06
C VAL C 99 10.99 -22.32 24.27
N LEU C 100 11.61 -21.78 25.30
CA LEU C 100 13.03 -22.01 25.50
C LEU C 100 13.32 -23.45 25.87
N GLY C 101 12.49 -24.06 26.71
CA GLY C 101 12.64 -25.48 26.96
C GLY C 101 12.47 -26.30 25.70
N LEU C 102 11.57 -25.89 24.81
CA LEU C 102 11.48 -26.53 23.52
C LEU C 102 12.71 -26.29 22.68
N LEU C 103 13.43 -25.19 22.95
CA LEU C 103 14.58 -24.82 22.09
C LEU C 103 15.91 -25.36 22.67
N ASP C 104 16.14 -25.17 23.97
CA ASP C 104 17.44 -25.57 24.58
C ASP C 104 17.48 -27.08 24.87
N LYS C 105 16.48 -27.82 24.42
CA LYS C 105 16.43 -29.26 24.69
C LYS C 105 16.26 -30.10 23.44
N HIS C 106 15.87 -29.52 22.31
CA HIS C 106 15.71 -30.28 21.08
C HIS C 106 16.27 -29.59 19.84
N LEU C 107 16.49 -28.28 19.85
CA LEU C 107 16.85 -27.57 18.64
C LEU C 107 18.29 -27.07 18.65
N ILE C 108 18.66 -26.24 19.63
CA ILE C 108 20.02 -25.72 19.71
C ILE C 108 21.01 -26.88 19.88
N PRO C 109 20.80 -27.84 20.79
CA PRO C 109 21.77 -28.93 20.91
C PRO C 109 21.90 -29.79 19.66
N LYS C 110 20.85 -29.90 18.85
CA LYS C 110 20.88 -30.72 17.63
C LYS C 110 20.54 -29.81 16.45
N ALA C 111 21.59 -29.19 15.88
CA ALA C 111 21.44 -28.31 14.71
C ALA C 111 22.73 -28.42 13.91
N SER C 112 22.71 -29.27 12.88
CA SER C 112 23.89 -29.46 12.06
C SER C 112 24.26 -28.19 11.30
N ASN C 113 23.27 -27.50 10.74
CA ASN C 113 23.55 -26.34 9.90
C ASN C 113 23.86 -25.12 10.77
N PRO C 114 24.99 -24.46 10.56
CA PRO C 114 25.31 -23.27 11.36
C PRO C 114 24.30 -22.15 11.17
N GLU C 115 23.75 -22.02 9.97
CA GLU C 115 22.67 -21.06 9.75
C GLU C 115 21.49 -21.34 10.67
N SER C 116 21.15 -22.61 10.82
CA SER C 116 20.09 -22.97 11.75
C SER C 116 20.44 -22.57 13.17
N LYS C 117 21.70 -22.75 13.57
CA LYS C 117 22.12 -22.34 14.90
C LYS C 117 22.01 -20.83 15.08
N VAL C 118 22.36 -20.08 14.04
CA VAL C 118 22.21 -18.63 14.11
C VAL C 118 20.74 -18.27 14.30
N PHE C 119 19.87 -18.93 13.55
CA PHE C 119 18.44 -18.71 13.66
C PHE C 119 17.95 -18.97 15.07
N TYR C 120 18.34 -20.12 15.63
CA TYR C 120 17.81 -20.50 16.94
C TYR C 120 18.39 -19.64 18.05
N LEU C 121 19.67 -19.26 17.97
CA LEU C 121 20.21 -18.34 18.95
C LEU C 121 19.55 -16.98 18.84
N LYS C 122 19.20 -16.56 17.63
CA LYS C 122 18.43 -15.34 17.46
C LYS C 122 17.09 -15.44 18.17
N MET C 123 16.39 -16.57 17.98
CA MET C 123 15.13 -16.77 18.68
C MET C 123 15.33 -16.72 20.20
N LYS C 124 16.38 -17.39 20.67
CA LYS C 124 16.65 -17.45 22.10
C LYS C 124 16.85 -16.06 22.67
N GLY C 125 17.65 -15.25 21.99
CA GLY C 125 17.85 -13.88 22.45
C GLY C 125 16.57 -13.08 22.42
N ASP C 126 15.77 -13.27 21.37
CA ASP C 126 14.53 -12.51 21.26
C ASP C 126 13.58 -12.83 22.40
N TYR C 127 13.44 -14.10 22.73
CA TYR C 127 12.52 -14.47 23.79
C TYR C 127 13.08 -14.09 25.16
N TYR C 128 14.40 -14.15 25.34
CA TYR C 128 14.97 -13.63 26.58
C TYR C 128 14.71 -12.14 26.72
N ARG C 129 14.79 -11.41 25.61
CA ARG C 129 14.45 -9.99 25.64
C ARG C 129 12.98 -9.77 25.99
N TYR C 130 12.10 -10.60 25.45
CA TYR C 130 10.69 -10.47 25.79
C TYR C 130 10.47 -10.69 27.27
N LEU C 131 11.17 -11.66 27.84
CA LEU C 131 11.10 -11.85 29.29
C LEU C 131 11.72 -10.68 30.04
N ALA C 132 12.72 -10.02 29.45
CA ALA C 132 13.41 -8.95 30.16
C ALA C 132 12.57 -7.68 30.23
N GLU C 133 11.89 -7.33 29.14
CA GLU C 133 11.19 -6.04 29.10
C GLU C 133 10.07 -5.96 30.11
N VAL C 134 9.58 -7.09 30.61
CA VAL C 134 8.52 -7.11 31.60
C VAL C 134 9.07 -7.33 33.00
N ALA C 135 10.11 -8.16 33.13
CA ALA C 135 10.68 -8.47 34.44
C ALA C 135 11.52 -7.29 34.90
N THR C 136 11.07 -6.61 35.96
CA THR C 136 11.79 -5.49 36.52
C THR C 136 12.26 -5.86 37.92
N GLY C 137 13.57 -5.77 38.15
CA GLY C 137 14.13 -6.04 39.45
C GLY C 137 15.45 -6.76 39.39
N GLU C 138 15.73 -7.59 40.38
CA GLU C 138 17.00 -8.30 40.43
C GLU C 138 17.09 -9.37 39.35
N THR C 139 15.99 -10.05 39.06
CA THR C 139 16.00 -11.10 38.04
C THR C 139 16.23 -10.56 36.64
N ARG C 140 16.03 -9.26 36.43
CA ARG C 140 16.22 -8.68 35.10
C ARG C 140 17.65 -8.88 34.63
N ASN C 141 18.61 -8.72 35.55
CA ASN C 141 20.01 -8.78 35.17
C ASN C 141 20.41 -10.15 34.63
N SER C 142 19.78 -11.22 35.11
CA SER C 142 20.15 -12.55 34.64
C SER C 142 19.67 -12.80 33.23
N VAL C 143 18.40 -12.51 32.96
CA VAL C 143 17.87 -12.73 31.61
C VAL C 143 18.52 -11.78 30.63
N VAL C 144 18.82 -10.55 31.05
CA VAL C 144 19.49 -9.61 30.17
C VAL C 144 20.83 -10.17 29.72
N GLU C 145 21.62 -10.68 30.67
CA GLU C 145 22.93 -11.23 30.31
C GLU C 145 22.80 -12.51 29.49
N ASP C 146 21.79 -13.34 29.75
CA ASP C 146 21.61 -14.54 28.94
C ASP C 146 21.25 -14.17 27.51
N SER C 147 20.38 -13.18 27.33
CA SER C 147 20.08 -12.67 26.01
C SER C 147 21.34 -12.12 25.35
N GLN C 148 22.16 -11.42 26.13
CA GLN C 148 23.42 -10.90 25.61
C GLN C 148 24.30 -12.01 25.07
N LYS C 149 24.43 -13.09 25.85
CA LYS C 149 25.27 -14.22 25.41
C LYS C 149 24.71 -14.86 24.16
N ALA C 150 23.39 -15.06 24.11
CA ALA C 150 22.80 -15.67 22.91
C ALA C 150 23.03 -14.80 21.69
N TYR C 151 22.80 -13.49 21.84
CA TYR C 151 23.01 -12.54 20.71
C TYR C 151 24.48 -12.59 20.27
N GLN C 152 25.41 -12.54 21.22
CA GLN C 152 26.82 -12.51 20.87
C GLN C 152 27.25 -13.79 20.17
N ASP C 153 26.77 -14.95 20.66
CA ASP C 153 27.12 -16.21 20.02
C ASP C 153 26.56 -16.26 18.60
N ALA C 154 25.34 -15.75 18.41
CA ALA C 154 24.79 -15.69 17.06
C ALA C 154 25.56 -14.72 16.19
N PHE C 155 25.98 -13.59 16.76
CA PHE C 155 26.68 -12.55 16.01
C PHE C 155 28.05 -13.01 15.55
N GLU C 156 28.74 -13.79 16.38
CA GLU C 156 30.04 -14.32 15.98
C GLU C 156 29.91 -15.23 14.76
N ILE C 157 28.92 -16.13 14.78
CA ILE C 157 28.73 -17.03 13.65
C ILE C 157 28.28 -16.26 12.41
N SER C 158 27.46 -15.22 12.60
CA SER C 158 27.05 -14.40 11.48
C SER C 158 28.24 -13.72 10.82
N LYS C 159 29.09 -13.07 11.63
CA LYS C 159 30.27 -12.42 11.08
C LYS C 159 31.23 -13.44 10.49
N ALA C 160 31.20 -14.69 10.97
CA ALA C 160 32.13 -15.69 10.49
C ALA C 160 31.70 -16.27 9.14
N LYS C 161 30.53 -16.89 9.07
CA LYS C 161 30.13 -17.67 7.90
C LYS C 161 28.74 -17.26 7.42
N MET C 162 28.48 -15.97 7.36
CA MET C 162 27.20 -15.49 6.86
C MET C 162 27.44 -14.30 5.93
N GLN C 163 26.60 -14.20 4.92
CA GLN C 163 26.71 -13.11 3.95
C GLN C 163 26.22 -11.82 4.59
N PRO C 164 26.85 -10.68 4.29
CA PRO C 164 26.36 -9.41 4.85
C PRO C 164 24.98 -9.02 4.35
N THR C 165 24.47 -9.70 3.31
CA THR C 165 23.16 -9.42 2.76
C THR C 165 22.15 -10.54 3.02
N HIS C 166 22.50 -11.54 3.84
CA HIS C 166 21.50 -12.56 4.13
C HIS C 166 20.46 -12.00 5.10
N PRO C 167 19.17 -12.31 4.89
CA PRO C 167 18.13 -11.73 5.76
C PRO C 167 18.31 -12.12 7.20
N ILE C 168 18.83 -13.31 7.46
CA ILE C 168 19.02 -13.78 8.82
C ILE C 168 19.99 -12.87 9.56
N ARG C 169 21.14 -12.59 8.94
CA ARG C 169 22.14 -11.73 9.57
C ARG C 169 21.63 -10.31 9.74
N LEU C 170 20.93 -9.79 8.74
CA LEU C 170 20.38 -8.45 8.85
C LEU C 170 19.37 -8.36 9.98
N GLY C 171 18.51 -9.37 10.10
CA GLY C 171 17.55 -9.40 11.20
C GLY C 171 18.23 -9.52 12.54
N LEU C 172 19.31 -10.31 12.61
CA LEU C 172 20.07 -10.42 13.85
C LEU C 172 20.65 -9.08 14.24
N ALA C 173 21.22 -8.37 13.26
CA ALA C 173 21.80 -7.05 13.55
C ALA C 173 20.73 -6.08 14.01
N LEU C 174 19.56 -6.10 13.37
CA LEU C 174 18.49 -5.22 13.79
C LEU C 174 18.03 -5.57 15.20
N ASN C 175 17.82 -6.86 15.46
CA ASN C 175 17.35 -7.28 16.77
C ASN C 175 18.34 -6.86 17.85
N PHE C 176 19.64 -7.05 17.57
CA PHE C 176 20.68 -6.73 18.58
C PHE C 176 20.74 -5.21 18.79
N SER C 177 20.59 -4.42 17.71
CA SER C 177 20.58 -2.99 17.88
C SER C 177 19.38 -2.55 18.72
N VAL C 178 18.22 -3.16 18.50
CA VAL C 178 17.07 -2.81 19.32
C VAL C 178 17.30 -3.22 20.77
N PHE C 179 17.94 -4.37 20.99
CA PHE C 179 18.27 -4.81 22.33
C PHE C 179 19.19 -3.82 23.02
N TYR C 180 20.21 -3.34 22.29
CA TYR C 180 21.13 -2.36 22.86
C TYR C 180 20.41 -1.06 23.20
N TYR C 181 19.56 -0.59 22.29
CA TYR C 181 18.93 0.71 22.51
C TYR C 181 17.91 0.65 23.63
N GLU C 182 17.10 -0.40 23.67
CA GLU C 182 15.99 -0.46 24.62
C GLU C 182 16.40 -1.06 25.95
N ILE C 183 17.05 -2.22 25.94
CA ILE C 183 17.37 -2.91 27.18
C ILE C 183 18.52 -2.23 27.91
N LEU C 184 19.68 -2.16 27.24
CA LEU C 184 20.86 -1.61 27.87
C LEU C 184 20.90 -0.09 27.85
N ASN C 185 20.03 0.54 27.07
CA ASN C 185 19.95 2.00 26.99
C ASN C 185 21.29 2.61 26.62
N SER C 186 21.95 1.99 25.65
CA SER C 186 23.25 2.48 25.17
C SER C 186 23.12 2.91 23.71
N PRO C 187 22.60 4.11 23.46
CA PRO C 187 22.31 4.50 22.07
C PRO C 187 23.53 4.57 21.17
N ASP C 188 24.70 4.94 21.70
CA ASP C 188 25.88 5.11 20.86
C ASP C 188 26.30 3.80 20.22
N LYS C 189 26.45 2.75 21.03
CA LYS C 189 26.88 1.47 20.47
C LYS C 189 25.79 0.85 19.60
N ALA C 190 24.52 1.06 19.94
CA ALA C 190 23.45 0.55 19.08
C ALA C 190 23.51 1.21 17.71
N CYS C 191 23.71 2.53 17.69
CA CYS C 191 23.82 3.23 16.41
C CYS C 191 25.04 2.75 15.65
N GLN C 192 26.14 2.51 16.36
CA GLN C 192 27.35 2.01 15.70
C GLN C 192 27.10 0.65 15.06
N LEU C 193 26.45 -0.25 15.78
CA LEU C 193 26.16 -1.57 15.23
C LEU C 193 25.24 -1.48 14.02
N ALA C 194 24.21 -0.64 14.13
CA ALA C 194 23.30 -0.47 13.01
C ALA C 194 24.01 0.09 11.79
N LYS C 195 24.87 1.09 11.99
CA LYS C 195 25.61 1.66 10.88
C LYS C 195 26.52 0.63 10.25
N GLN C 196 27.21 -0.16 11.07
CA GLN C 196 28.13 -1.15 10.53
C GLN C 196 27.39 -2.19 9.71
N ALA C 197 26.26 -2.68 10.24
CA ALA C 197 25.47 -3.66 9.50
C ALA C 197 24.93 -3.06 8.21
N PHE C 198 24.48 -1.80 8.29
CA PHE C 198 24.00 -1.10 7.10
C PHE C 198 25.06 -1.06 6.02
N ASP C 199 26.27 -0.63 6.39
CA ASP C 199 27.34 -0.51 5.42
C ASP C 199 27.71 -1.87 4.84
N ASP C 200 27.83 -2.89 5.70
CA ASP C 200 28.19 -4.22 5.22
C ASP C 200 27.15 -4.78 4.26
N ALA C 201 25.87 -4.46 4.50
CA ALA C 201 24.85 -4.87 3.53
C ALA C 201 24.93 -4.06 2.26
N ILE C 202 25.23 -2.76 2.37
CA ILE C 202 25.29 -1.89 1.19
C ILE C 202 26.40 -2.36 0.25
N ALA C 203 27.54 -2.76 0.82
CA ALA C 203 28.67 -3.22 0.02
C ALA C 203 28.27 -4.31 -0.97
N GLU C 204 27.58 -5.35 -0.51
CA GLU C 204 27.27 -6.49 -1.36
C GLU C 204 25.80 -6.50 -1.79
N LEU C 205 25.37 -5.38 -2.36
CA LEU C 205 23.99 -5.31 -2.83
C LEU C 205 23.79 -6.02 -4.17
N ASP C 206 24.83 -6.10 -4.99
CA ASP C 206 24.68 -6.76 -6.28
C ASP C 206 24.30 -8.22 -6.12
N THR C 207 24.77 -8.85 -5.06
CA THR C 207 24.44 -10.25 -4.77
C THR C 207 23.12 -10.28 -4.02
N LEU C 208 22.02 -10.29 -4.78
CA LEU C 208 20.67 -10.39 -4.22
C LEU C 208 19.82 -11.18 -5.20
N ASN C 209 19.61 -12.45 -4.88
CA ASN C 209 18.85 -13.35 -5.75
C ASN C 209 17.37 -13.23 -5.48
N GLU C 210 16.58 -13.86 -6.36
CA GLU C 210 15.12 -13.87 -6.23
C GLU C 210 14.67 -14.58 -4.97
N ASP C 211 15.50 -15.49 -4.44
CA ASP C 211 15.09 -16.28 -3.28
C ASP C 211 14.77 -15.38 -2.09
N SER C 212 15.55 -14.33 -1.88
CA SER C 212 15.33 -13.44 -0.74
C SER C 212 15.72 -12.03 -1.15
N TYR C 213 14.75 -11.24 -1.57
CA TYR C 213 14.98 -9.83 -1.86
C TYR C 213 14.09 -8.90 -1.05
N LYS C 214 12.80 -9.19 -0.97
CA LYS C 214 11.88 -8.29 -0.28
C LYS C 214 12.25 -8.16 1.19
N ASP C 215 12.60 -9.27 1.82
CA ASP C 215 12.99 -9.24 3.26
C ASP C 215 14.27 -8.41 3.41
N SER C 216 15.23 -8.58 2.50
CA SER C 216 16.51 -7.85 2.58
C SER C 216 16.24 -6.34 2.66
N THR C 217 15.53 -5.79 1.66
CA THR C 217 15.29 -4.34 1.61
C THR C 217 14.34 -3.93 2.73
N LEU C 218 13.41 -4.80 3.13
CA LEU C 218 12.53 -4.45 4.23
C LEU C 218 13.32 -4.24 5.51
N ILE C 219 14.21 -5.18 5.83
CA ILE C 219 15.05 -5.02 7.01
C ILE C 219 15.97 -3.82 6.83
N MET C 220 16.42 -3.56 5.60
CA MET C 220 17.26 -2.40 5.35
C MET C 220 16.53 -1.10 5.67
N GLN C 221 15.29 -0.99 5.20
CA GLN C 221 14.50 0.19 5.52
C GLN C 221 14.21 0.27 6.99
N LEU C 222 13.98 -0.86 7.65
CA LEU C 222 13.80 -0.84 9.09
C LEU C 222 15.05 -0.32 9.78
N LEU C 223 16.22 -0.75 9.33
CA LEU C 223 17.47 -0.25 9.91
C LEU C 223 17.61 1.24 9.67
N ARG C 224 17.28 1.68 8.46
CA ARG C 224 17.35 3.14 8.14
C ARG C 224 16.44 3.89 9.10
N ASP C 225 15.21 3.42 9.28
CA ASP C 225 14.25 4.08 10.15
C ASP C 225 14.76 4.11 11.59
N ASN C 226 15.31 3.00 12.06
CA ASN C 226 15.89 2.97 13.40
C ASN C 226 17.02 3.99 13.51
N LEU C 227 17.86 4.03 12.47
CA LEU C 227 19.02 4.96 12.49
C LEU C 227 18.52 6.39 12.75
N THR C 228 17.65 6.90 11.89
CA THR C 228 17.17 8.30 12.05
C THR C 228 16.46 8.42 13.38
N LEU C 229 15.64 7.43 13.73
CA LEU C 229 14.90 7.44 15.02
C LEU C 229 15.90 7.71 16.16
N TRP C 230 17.12 7.19 16.04
CA TRP C 230 18.07 7.32 17.14
C TRP C 230 19.03 8.49 16.95
N THR C 231 19.32 8.86 15.71
CA THR C 231 20.18 10.01 15.45
C THR C 231 19.52 11.33 15.83
N SER C 232 18.22 11.32 16.09
CA SER C 232 17.51 12.51 16.52
C SER C 232 17.81 12.83 17.98
N ASP D 4 -18.17 -2.62 44.13
CA ASP D 4 -17.91 -3.98 43.70
C ASP D 4 -18.30 -4.20 42.24
N LYS D 5 -19.57 -3.93 41.93
CA LYS D 5 -20.07 -4.12 40.58
C LYS D 5 -19.27 -3.27 39.60
N GLU D 6 -19.03 -2.01 39.94
CA GLU D 6 -18.23 -1.13 39.11
C GLU D 6 -16.80 -1.65 38.94
N GLU D 7 -16.28 -2.36 39.95
CA GLU D 7 -14.96 -2.97 39.82
C GLU D 7 -14.94 -4.03 38.72
N LEU D 8 -15.96 -4.87 38.67
CA LEU D 8 -16.04 -5.86 37.61
C LEU D 8 -16.32 -5.20 36.27
N VAL D 9 -17.06 -4.09 36.26
CA VAL D 9 -17.24 -3.33 35.03
C VAL D 9 -15.90 -2.82 34.50
N GLN D 10 -15.07 -2.27 35.40
CA GLN D 10 -13.75 -1.79 35.01
C GLN D 10 -12.88 -2.93 34.53
N ARG D 11 -12.98 -4.11 35.18
CA ARG D 11 -12.21 -5.26 34.73
C ARG D 11 -12.59 -5.68 33.32
N ALA D 12 -13.90 -5.72 33.03
CA ALA D 12 -14.33 -6.06 31.69
C ALA D 12 -13.86 -5.03 30.67
N LYS D 13 -13.96 -3.75 31.01
CA LYS D 13 -13.48 -2.71 30.10
C LYS D 13 -11.98 -2.86 29.85
N LEU D 14 -11.22 -3.16 30.90
CA LEU D 14 -9.78 -3.32 30.75
C LEU D 14 -9.45 -4.51 29.86
N ALA D 15 -10.17 -5.62 30.03
CA ALA D 15 -9.97 -6.75 29.15
C ALA D 15 -10.31 -6.38 27.71
N GLU D 16 -11.32 -5.54 27.51
CA GLU D 16 -11.65 -5.08 26.18
C GLU D 16 -10.50 -4.27 25.58
N GLN D 17 -9.97 -3.32 26.34
CA GLN D 17 -8.86 -2.51 25.86
C GLN D 17 -7.64 -3.37 25.57
N ALA D 18 -7.44 -4.42 26.34
CA ALA D 18 -6.30 -5.30 26.17
C ALA D 18 -6.51 -6.30 25.05
N GLU D 19 -7.65 -6.24 24.37
CA GLU D 19 -8.01 -7.17 23.30
C GLU D 19 -8.25 -8.56 23.89
N ARG D 20 -8.18 -8.66 25.21
CA ARG D 20 -8.46 -9.92 25.89
C ARG D 20 -9.97 -10.06 26.08
N TYR D 21 -10.57 -11.01 25.35
CA TYR D 21 -12.02 -11.14 25.30
C TYR D 21 -12.56 -12.26 26.17
N ASP D 22 -11.93 -13.43 26.15
CA ASP D 22 -12.38 -14.51 27.01
C ASP D 22 -12.36 -14.07 28.47
N ASP D 23 -11.39 -13.25 28.84
CA ASP D 23 -11.42 -12.62 30.16
C ASP D 23 -12.62 -11.71 30.30
N MET D 24 -12.93 -10.93 29.26
CA MET D 24 -14.11 -10.08 29.33
C MET D 24 -15.40 -10.91 29.29
N ALA D 25 -15.41 -11.99 28.50
CA ALA D 25 -16.59 -12.85 28.47
C ALA D 25 -16.87 -13.42 29.86
N ALA D 26 -15.84 -13.95 30.52
CA ALA D 26 -16.04 -14.49 31.86
C ALA D 26 -16.37 -13.38 32.86
N ALA D 27 -15.72 -12.23 32.75
CA ALA D 27 -15.96 -11.12 33.66
C ALA D 27 -17.36 -10.56 33.53
N MET D 28 -17.98 -10.68 32.36
CA MET D 28 -19.36 -10.27 32.21
C MET D 28 -20.33 -11.37 32.61
N LYS D 29 -20.00 -12.62 32.31
CA LYS D 29 -20.85 -13.74 32.70
C LYS D 29 -20.98 -13.84 34.22
N GLU D 30 -19.90 -13.51 34.93
CA GLU D 30 -20.01 -13.47 36.39
C GLU D 30 -20.80 -12.25 36.85
N VAL D 31 -20.77 -11.15 36.11
CA VAL D 31 -21.54 -9.97 36.49
C VAL D 31 -23.03 -10.26 36.39
N THR D 32 -23.47 -10.80 35.25
CA THR D 32 -24.89 -11.05 35.06
C THR D 32 -25.41 -12.20 35.91
N GLU D 33 -24.53 -13.10 36.35
CA GLU D 33 -24.96 -14.21 37.18
C GLU D 33 -25.59 -13.73 38.49
N THR D 34 -25.15 -12.59 39.01
CA THR D 34 -25.73 -12.06 40.23
C THR D 34 -27.18 -11.67 40.02
N GLY D 35 -27.48 -10.99 38.91
CA GLY D 35 -28.83 -10.56 38.64
C GLY D 35 -29.05 -9.11 39.00
N VAL D 36 -27.99 -8.30 38.87
CA VAL D 36 -28.12 -6.88 39.17
C VAL D 36 -28.86 -6.18 38.04
N GLU D 37 -29.41 -5.01 38.35
CA GLU D 37 -30.05 -4.16 37.34
C GLU D 37 -29.07 -3.84 36.22
N LEU D 38 -29.43 -4.16 34.98
CA LEU D 38 -28.52 -4.06 33.85
C LEU D 38 -28.79 -2.76 33.09
N SER D 39 -27.75 -1.96 32.90
CA SER D 39 -27.88 -0.71 32.15
C SER D 39 -27.51 -0.94 30.69
N ASN D 40 -27.59 0.12 29.90
CA ASN D 40 -27.34 0.01 28.47
C ASN D 40 -25.88 -0.34 28.20
N GLU D 41 -24.95 0.40 28.81
CA GLU D 41 -23.54 0.12 28.63
C GLU D 41 -23.20 -1.28 29.11
N GLU D 42 -23.78 -1.68 30.24
CA GLU D 42 -23.46 -2.97 30.84
C GLU D 42 -23.86 -4.14 29.93
N ARG D 43 -25.05 -4.07 29.34
CA ARG D 43 -25.45 -5.13 28.43
C ARG D 43 -24.72 -5.03 27.09
N ASN D 44 -24.40 -3.80 26.68
CA ASN D 44 -23.71 -3.60 25.41
C ASN D 44 -22.33 -4.24 25.44
N LEU D 45 -21.62 -4.10 26.56
CA LEU D 45 -20.30 -4.70 26.68
C LEU D 45 -20.39 -6.22 26.59
N LEU D 46 -21.38 -6.81 27.26
CA LEU D 46 -21.56 -8.26 27.18
C LEU D 46 -21.82 -8.68 25.75
N SER D 47 -22.70 -7.97 25.05
CA SER D 47 -22.99 -8.32 23.67
C SER D 47 -21.73 -8.23 22.82
N VAL D 48 -20.94 -7.18 23.00
CA VAL D 48 -19.71 -7.01 22.23
C VAL D 48 -18.74 -8.16 22.49
N ALA D 49 -18.49 -8.43 23.77
CA ALA D 49 -17.53 -9.51 24.14
C ALA D 49 -17.98 -10.82 23.51
N TYR D 50 -19.16 -11.31 23.89
CA TYR D 50 -19.66 -12.61 23.36
C TYR D 50 -19.58 -12.58 21.83
N LYS D 51 -20.00 -11.48 21.20
CA LYS D 51 -20.01 -11.47 19.75
C LYS D 51 -18.62 -11.72 19.19
N ASN D 52 -17.62 -11.07 19.77
CA ASN D 52 -16.26 -11.23 19.26
C ASN D 52 -15.77 -12.67 19.44
N VAL D 53 -16.04 -13.25 20.62
CA VAL D 53 -15.51 -14.58 20.90
C VAL D 53 -16.07 -15.60 19.90
N VAL D 54 -17.36 -15.53 19.63
CA VAL D 54 -17.95 -16.50 18.71
C VAL D 54 -17.66 -16.13 17.27
N GLY D 55 -17.50 -14.84 16.96
CA GLY D 55 -17.19 -14.47 15.60
C GLY D 55 -15.84 -14.99 15.15
N ALA D 56 -14.84 -14.91 16.03
CA ALA D 56 -13.54 -15.44 15.67
C ALA D 56 -13.63 -16.92 15.31
N ARG D 57 -14.28 -17.71 16.16
CA ARG D 57 -14.34 -19.14 15.92
C ARG D 57 -15.24 -19.49 14.75
N ARG D 58 -16.30 -18.72 14.51
CA ARG D 58 -17.16 -19.01 13.37
C ARG D 58 -16.46 -18.69 12.05
N SER D 59 -15.69 -17.61 12.04
CA SER D 59 -14.86 -17.33 10.87
C SER D 59 -13.86 -18.46 10.67
N SER D 60 -13.26 -18.92 11.76
CA SER D 60 -12.33 -20.04 11.66
C SER D 60 -13.04 -21.27 11.09
N TRP D 61 -14.26 -21.54 11.54
CA TRP D 61 -14.98 -22.71 11.04
C TRP D 61 -15.30 -22.57 9.56
N ARG D 62 -15.70 -21.38 9.14
CA ARG D 62 -15.96 -21.16 7.73
C ARG D 62 -14.72 -21.47 6.91
N VAL D 63 -13.56 -21.01 7.39
CA VAL D 63 -12.32 -21.29 6.70
C VAL D 63 -12.04 -22.79 6.67
N ILE D 64 -12.24 -23.47 7.80
CA ILE D 64 -11.93 -24.89 7.89
C ILE D 64 -12.83 -25.69 6.94
N SER D 65 -14.12 -25.36 6.93
CA SER D 65 -15.06 -26.05 6.04
C SER D 65 -14.73 -25.77 4.59
N SER D 66 -14.33 -24.55 4.26
CA SER D 66 -13.92 -24.23 2.90
C SER D 66 -12.72 -25.05 2.48
N ILE D 67 -11.72 -25.18 3.37
CA ILE D 67 -10.55 -25.99 3.06
C ILE D 67 -10.94 -27.46 2.93
N GLU D 68 -11.92 -27.91 3.73
CA GLU D 68 -12.32 -29.30 3.71
C GLU D 68 -12.83 -29.75 2.35
N GLN D 69 -13.43 -28.84 1.59
CA GLN D 69 -13.99 -29.14 0.28
C GLN D 69 -13.08 -28.70 -0.86
N LYS D 70 -11.83 -28.32 -0.55
CA LYS D 70 -10.92 -27.87 -1.59
C LYS D 70 -10.61 -28.98 -2.59
N THR D 71 -10.38 -30.20 -2.11
CA THR D 71 -10.11 -31.32 -2.99
C THR D 71 -10.58 -32.60 -2.32
N GLU D 72 -11.56 -33.26 -2.94
CA GLU D 72 -12.06 -34.53 -2.44
C GLU D 72 -11.33 -35.73 -3.03
N GLY D 73 -10.70 -35.57 -4.19
CA GLY D 73 -9.95 -36.65 -4.81
C GLY D 73 -8.52 -36.74 -4.30
N SER D 74 -8.36 -37.26 -3.08
CA SER D 74 -7.06 -37.32 -2.44
C SER D 74 -7.09 -38.49 -1.45
N GLU D 75 -6.01 -38.62 -0.68
CA GLU D 75 -5.90 -39.66 0.32
C GLU D 75 -6.69 -39.25 1.56
N ARG D 76 -6.45 -39.92 2.69
CA ARG D 76 -7.19 -39.64 3.91
C ARG D 76 -6.61 -38.45 4.67
N LYS D 77 -6.48 -37.31 4.01
CA LYS D 77 -6.15 -36.06 4.69
C LYS D 77 -7.40 -35.32 5.14
N GLN D 78 -8.51 -35.48 4.42
CA GLN D 78 -9.77 -34.86 4.83
C GLN D 78 -10.34 -35.55 6.06
N GLN D 79 -9.93 -36.79 6.32
CA GLN D 79 -10.43 -37.51 7.49
C GLN D 79 -10.06 -36.80 8.79
N MET D 80 -8.81 -36.36 8.90
CA MET D 80 -8.42 -35.62 10.10
C MET D 80 -8.92 -34.18 10.08
N ALA D 81 -9.09 -33.60 8.89
CA ALA D 81 -9.60 -32.24 8.79
C ALA D 81 -11.03 -32.16 9.33
N LYS D 82 -11.87 -33.12 8.95
CA LYS D 82 -13.24 -33.11 9.45
C LYS D 82 -13.29 -33.34 10.94
N GLU D 83 -12.39 -34.16 11.49
CA GLU D 83 -12.33 -34.33 12.93
C GLU D 83 -11.87 -33.04 13.61
N TYR D 84 -10.94 -32.32 13.00
CA TYR D 84 -10.54 -31.03 13.57
C TYR D 84 -11.70 -30.04 13.53
N ARG D 85 -12.48 -30.06 12.45
CA ARG D 85 -13.68 -29.24 12.40
C ARG D 85 -14.65 -29.62 13.50
N VAL D 86 -14.80 -30.93 13.75
CA VAL D 86 -15.66 -31.37 14.83
C VAL D 86 -15.13 -30.84 16.16
N LYS D 87 -13.80 -30.79 16.31
CA LYS D 87 -13.21 -30.19 17.49
C LYS D 87 -13.63 -28.73 17.62
N VAL D 88 -13.56 -27.98 16.52
CA VAL D 88 -13.91 -26.56 16.55
C VAL D 88 -15.37 -26.39 16.97
N GLU D 89 -16.26 -27.20 16.38
CA GLU D 89 -17.67 -27.13 16.74
C GLU D 89 -17.89 -27.47 18.20
N LYS D 90 -17.16 -28.46 18.71
CA LYS D 90 -17.21 -28.77 20.13
C LYS D 90 -16.80 -27.58 20.97
N GLU D 91 -15.83 -26.80 20.49
CA GLU D 91 -15.45 -25.55 21.13
C GLU D 91 -16.31 -24.39 20.66
N LEU D 92 -17.35 -24.67 19.88
CA LEU D 92 -18.24 -23.63 19.36
C LEU D 92 -19.67 -23.74 19.87
N ARG D 93 -20.24 -24.94 19.92
CA ARG D 93 -21.61 -25.06 20.38
C ARG D 93 -21.74 -24.74 21.85
N GLU D 94 -20.77 -25.17 22.66
CA GLU D 94 -20.92 -25.09 24.10
C GLU D 94 -20.92 -23.66 24.61
N ILE D 95 -20.13 -22.78 24.00
CA ILE D 95 -20.19 -21.36 24.39
C ILE D 95 -21.57 -20.79 24.08
N CYS D 96 -22.09 -21.09 22.89
CA CYS D 96 -23.41 -20.59 22.56
C CYS D 96 -24.45 -21.11 23.53
N TYR D 97 -24.34 -22.39 23.92
CA TYR D 97 -25.24 -22.93 24.92
C TYR D 97 -25.10 -22.23 26.26
N ASP D 98 -23.88 -21.89 26.66
CA ASP D 98 -23.68 -21.14 27.89
C ASP D 98 -24.36 -19.78 27.81
N VAL D 99 -24.27 -19.13 26.66
CA VAL D 99 -24.93 -17.84 26.50
C VAL D 99 -26.44 -18.02 26.54
N LEU D 100 -26.96 -19.07 25.90
CA LEU D 100 -28.39 -19.30 25.92
C LEU D 100 -28.89 -19.57 27.33
N GLY D 101 -28.15 -20.39 28.08
CA GLY D 101 -28.49 -20.61 29.48
C GLY D 101 -28.41 -19.34 30.29
N LEU D 102 -27.42 -18.50 30.01
CA LEU D 102 -27.32 -17.21 30.69
C LEU D 102 -28.53 -16.35 30.42
N LEU D 103 -28.95 -16.29 29.15
CA LEU D 103 -30.13 -15.53 28.79
C LEU D 103 -31.38 -16.07 29.46
N ASP D 104 -31.49 -17.39 29.53
CA ASP D 104 -32.60 -18.02 30.24
C ASP D 104 -32.55 -17.78 31.74
N LYS D 105 -31.37 -17.50 32.29
CA LYS D 105 -31.24 -17.44 33.75
C LYS D 105 -31.81 -16.13 34.30
N HIS D 106 -31.22 -15.01 33.92
CA HIS D 106 -31.60 -13.72 34.48
C HIS D 106 -32.11 -12.75 33.44
N LEU D 107 -31.56 -12.77 32.24
CA LEU D 107 -31.79 -11.68 31.29
C LEU D 107 -33.26 -11.54 30.94
N ILE D 108 -33.88 -12.61 30.44
CA ILE D 108 -35.27 -12.56 30.01
C ILE D 108 -36.20 -12.25 31.18
N PRO D 109 -36.10 -12.93 32.32
CA PRO D 109 -37.01 -12.58 33.42
C PRO D 109 -36.73 -11.21 34.00
N LYS D 110 -35.47 -10.87 34.22
CA LYS D 110 -35.13 -9.55 34.76
C LYS D 110 -35.07 -8.51 33.64
N ALA D 111 -36.26 -8.21 33.12
CA ALA D 111 -36.42 -7.23 32.05
C ALA D 111 -37.62 -6.37 32.38
N SER D 112 -37.38 -5.08 32.65
CA SER D 112 -38.43 -4.13 32.97
C SER D 112 -38.60 -3.08 31.87
N ASN D 113 -37.99 -3.32 30.71
CA ASN D 113 -38.09 -2.40 29.58
C ASN D 113 -38.23 -3.19 28.30
N PRO D 114 -39.28 -2.92 27.50
CA PRO D 114 -39.50 -3.71 26.29
C PRO D 114 -38.33 -3.65 25.32
N GLU D 115 -37.63 -2.51 25.27
CA GLU D 115 -36.44 -2.39 24.44
C GLU D 115 -35.41 -3.45 24.82
N SER D 116 -35.19 -3.62 26.12
CA SER D 116 -34.24 -4.62 26.58
C SER D 116 -34.67 -6.03 26.23
N LYS D 117 -35.97 -6.31 26.34
CA LYS D 117 -36.48 -7.62 25.94
C LYS D 117 -36.26 -7.84 24.45
N VAL D 118 -36.50 -6.81 23.64
CA VAL D 118 -36.24 -6.89 22.20
C VAL D 118 -34.79 -7.26 21.96
N PHE D 119 -33.89 -6.58 22.66
CA PHE D 119 -32.47 -6.81 22.46
C PHE D 119 -32.08 -8.23 22.84
N TYR D 120 -32.57 -8.71 23.99
CA TYR D 120 -32.18 -10.04 24.43
C TYR D 120 -32.75 -11.12 23.51
N LEU D 121 -34.00 -10.96 23.08
CA LEU D 121 -34.55 -11.93 22.14
C LEU D 121 -33.80 -11.90 20.82
N LYS D 122 -33.37 -10.71 20.38
CA LYS D 122 -32.54 -10.61 19.19
C LYS D 122 -31.26 -11.39 19.35
N MET D 123 -30.60 -11.23 20.50
CA MET D 123 -29.36 -11.95 20.73
C MET D 123 -29.58 -13.46 20.75
N LYS D 124 -30.65 -13.90 21.40
CA LYS D 124 -30.96 -15.33 21.44
C LYS D 124 -31.12 -15.88 20.05
N GLY D 125 -31.88 -15.17 19.21
CA GLY D 125 -32.03 -15.61 17.83
C GLY D 125 -30.72 -15.62 17.08
N ASP D 126 -29.87 -14.62 17.32
CA ASP D 126 -28.59 -14.58 16.62
C ASP D 126 -27.76 -15.81 16.94
N TYR D 127 -27.67 -16.15 18.22
CA TYR D 127 -26.83 -17.29 18.57
C TYR D 127 -27.47 -18.61 18.16
N TYR D 128 -28.80 -18.70 18.17
CA TYR D 128 -29.41 -19.88 17.58
C TYR D 128 -29.10 -19.98 16.10
N ARG D 129 -29.06 -18.83 15.42
CA ARG D 129 -28.69 -18.82 13.98
C ARG D 129 -27.28 -19.38 13.84
N TYR D 130 -26.34 -18.93 14.69
CA TYR D 130 -24.97 -19.41 14.60
C TYR D 130 -24.90 -20.91 14.81
N LEU D 131 -25.65 -21.42 15.78
CA LEU D 131 -25.70 -22.87 15.98
C LEU D 131 -26.32 -23.58 14.79
N ALA D 132 -27.29 -22.95 14.12
CA ALA D 132 -27.94 -23.61 13.00
C ALA D 132 -26.99 -23.81 11.82
N GLU D 133 -25.99 -22.95 11.70
CA GLU D 133 -25.04 -23.10 10.59
C GLU D 133 -24.24 -24.38 10.74
N VAL D 134 -23.68 -24.62 11.92
CA VAL D 134 -23.02 -25.89 12.17
C VAL D 134 -24.03 -27.02 12.28
N ALA D 135 -25.18 -26.79 12.89
CA ALA D 135 -26.16 -27.85 13.11
C ALA D 135 -26.77 -28.28 11.78
N THR D 136 -26.92 -29.60 11.62
CA THR D 136 -27.51 -30.19 10.43
C THR D 136 -28.60 -31.16 10.84
N GLY D 137 -29.29 -31.70 9.84
CA GLY D 137 -30.34 -32.67 10.06
C GLY D 137 -31.51 -32.09 10.83
N GLU D 138 -32.19 -32.94 11.61
CA GLU D 138 -33.28 -32.48 12.45
C GLU D 138 -32.81 -31.51 13.52
N THR D 139 -31.51 -31.54 13.85
CA THR D 139 -30.95 -30.59 14.80
C THR D 139 -31.05 -29.16 14.27
N ARG D 140 -30.75 -28.97 12.98
CA ARG D 140 -30.85 -27.64 12.39
C ARG D 140 -32.27 -27.12 12.48
N ASN D 141 -33.24 -27.96 12.11
CA ASN D 141 -34.64 -27.55 12.19
C ASN D 141 -35.03 -27.24 13.63
N SER D 142 -34.58 -28.07 14.56
CA SER D 142 -34.89 -27.84 15.96
C SER D 142 -34.36 -26.50 16.44
N VAL D 143 -33.16 -26.14 16.01
CA VAL D 143 -32.62 -24.86 16.44
C VAL D 143 -33.35 -23.70 15.78
N VAL D 144 -33.60 -23.81 14.46
CA VAL D 144 -34.16 -22.68 13.74
C VAL D 144 -35.60 -22.43 14.16
N GLU D 145 -36.31 -23.47 14.63
CA GLU D 145 -37.66 -23.23 15.12
C GLU D 145 -37.65 -22.29 16.33
N ASP D 146 -36.59 -22.36 17.13
CA ASP D 146 -36.46 -21.46 18.31
C ASP D 146 -36.12 -20.05 17.82
N SER D 147 -35.24 -19.93 16.84
CA SER D 147 -34.80 -18.62 16.38
C SER D 147 -35.93 -17.88 15.69
N GLN D 148 -36.73 -18.58 14.89
CA GLN D 148 -37.89 -17.96 14.28
C GLN D 148 -38.81 -17.38 15.33
N LYS D 149 -39.10 -18.15 16.38
CA LYS D 149 -40.02 -17.68 17.40
C LYS D 149 -39.46 -16.50 18.17
N ALA D 150 -38.17 -16.55 18.50
CA ALA D 150 -37.55 -15.41 19.17
C ALA D 150 -37.62 -14.17 18.29
N TYR D 151 -37.33 -14.34 17.00
CA TYR D 151 -37.39 -13.20 16.08
C TYR D 151 -38.81 -12.64 15.97
N GLN D 152 -39.82 -13.51 15.87
CA GLN D 152 -41.19 -13.03 15.74
C GLN D 152 -41.68 -12.34 17.00
N ASP D 153 -41.35 -12.88 18.17
CA ASP D 153 -41.67 -12.22 19.42
C ASP D 153 -40.91 -10.93 19.60
N ALA D 154 -39.72 -10.81 19.02
CA ALA D 154 -38.99 -9.56 19.04
C ALA D 154 -39.59 -8.53 18.10
N PHE D 155 -40.04 -8.95 16.92
CA PHE D 155 -40.55 -7.99 15.94
C PHE D 155 -41.80 -7.29 16.44
N GLU D 156 -42.72 -8.03 17.07
CA GLU D 156 -43.97 -7.42 17.51
C GLU D 156 -43.70 -6.31 18.51
N ILE D 157 -42.85 -6.58 19.50
CA ILE D 157 -42.54 -5.58 20.51
C ILE D 157 -41.78 -4.42 19.88
N SER D 158 -40.88 -4.71 18.94
CA SER D 158 -40.15 -3.64 18.28
C SER D 158 -41.08 -2.70 17.54
N LYS D 159 -42.07 -3.26 16.83
CA LYS D 159 -43.01 -2.44 16.09
C LYS D 159 -43.93 -1.66 17.02
N ALA D 160 -44.39 -2.30 18.09
CA ALA D 160 -45.36 -1.67 18.97
C ALA D 160 -44.74 -0.59 19.85
N LYS D 161 -43.48 -0.75 20.23
CA LYS D 161 -42.88 0.16 21.21
C LYS D 161 -41.77 1.03 20.66
N MET D 162 -41.17 0.68 19.53
CA MET D 162 -40.04 1.42 19.01
C MET D 162 -40.31 1.91 17.60
N GLN D 163 -39.74 3.08 17.28
CA GLN D 163 -39.87 3.64 15.95
C GLN D 163 -39.14 2.77 14.94
N PRO D 164 -39.60 2.75 13.70
CA PRO D 164 -38.91 1.95 12.67
C PRO D 164 -37.48 2.39 12.42
N THR D 165 -37.14 3.62 12.77
CA THR D 165 -35.80 4.13 12.63
C THR D 165 -34.89 3.74 13.78
N HIS D 166 -35.41 3.06 14.79
CA HIS D 166 -34.61 2.74 15.96
C HIS D 166 -33.51 1.75 15.57
N PRO D 167 -32.25 2.01 15.95
CA PRO D 167 -31.16 1.16 15.49
C PRO D 167 -31.29 -0.29 15.89
N ILE D 168 -31.82 -0.55 17.09
CA ILE D 168 -32.02 -1.95 17.51
C ILE D 168 -33.02 -2.63 16.60
N ARG D 169 -34.13 -1.95 16.30
CA ARG D 169 -35.14 -2.50 15.42
C ARG D 169 -34.60 -2.70 14.01
N LEU D 170 -33.81 -1.75 13.53
CA LEU D 170 -33.20 -1.90 12.21
C LEU D 170 -32.27 -3.09 12.18
N GLY D 171 -31.45 -3.26 13.22
CA GLY D 171 -30.58 -4.42 13.29
C GLY D 171 -31.37 -5.71 13.38
N LEU D 172 -32.47 -5.71 14.11
CA LEU D 172 -33.31 -6.90 14.21
C LEU D 172 -33.85 -7.30 12.85
N ALA D 173 -34.37 -6.32 12.11
CA ALA D 173 -34.87 -6.60 10.77
C ALA D 173 -33.77 -7.13 9.88
N LEU D 174 -32.57 -6.53 9.98
CA LEU D 174 -31.45 -6.98 9.17
C LEU D 174 -31.09 -8.43 9.49
N ASN D 175 -30.94 -8.73 10.78
CA ASN D 175 -30.53 -10.11 11.20
C ASN D 175 -31.62 -11.11 10.77
N PHE D 176 -32.89 -10.75 10.96
CA PHE D 176 -34.00 -11.66 10.56
C PHE D 176 -33.88 -11.93 9.06
N SER D 177 -33.67 -10.87 8.27
CA SER D 177 -33.53 -11.02 6.81
C SER D 177 -32.36 -11.98 6.51
N VAL D 178 -31.22 -11.78 7.17
CA VAL D 178 -30.07 -12.64 6.94
C VAL D 178 -30.42 -14.09 7.24
N PHE D 179 -31.14 -14.33 8.33
CA PHE D 179 -31.53 -15.68 8.67
C PHE D 179 -32.46 -16.27 7.62
N TYR D 180 -33.40 -15.46 7.12
CA TYR D 180 -34.27 -15.94 6.06
C TYR D 180 -33.47 -16.35 4.84
N TYR D 181 -32.48 -15.53 4.47
CA TYR D 181 -31.74 -15.79 3.26
C TYR D 181 -30.85 -17.02 3.39
N GLU D 182 -30.14 -17.14 4.51
CA GLU D 182 -29.07 -18.12 4.64
C GLU D 182 -29.58 -19.51 4.99
N ILE D 183 -30.53 -19.61 5.91
CA ILE D 183 -30.96 -20.91 6.41
C ILE D 183 -32.20 -21.35 5.67
N LEU D 184 -33.24 -20.52 5.69
CA LEU D 184 -34.48 -20.88 5.05
C LEU D 184 -34.41 -20.82 3.53
N ASN D 185 -33.43 -20.11 2.99
CA ASN D 185 -33.30 -19.94 1.54
C ASN D 185 -34.61 -19.41 0.95
N SER D 186 -35.08 -18.32 1.52
CA SER D 186 -36.32 -17.66 1.09
C SER D 186 -35.93 -16.22 0.76
N PRO D 187 -35.21 -16.03 -0.35
CA PRO D 187 -34.69 -14.69 -0.66
C PRO D 187 -35.77 -13.66 -0.91
N ASP D 188 -36.92 -14.07 -1.45
CA ASP D 188 -37.97 -13.10 -1.74
C ASP D 188 -38.54 -12.51 -0.46
N LYS D 189 -38.80 -13.36 0.55
CA LYS D 189 -39.31 -12.84 1.81
C LYS D 189 -38.29 -11.94 2.50
N ALA D 190 -37.02 -12.35 2.47
CA ALA D 190 -36.00 -11.52 3.08
C ALA D 190 -35.90 -10.17 2.38
N CYS D 191 -35.94 -10.18 1.05
CA CYS D 191 -35.86 -8.93 0.32
C CYS D 191 -37.07 -8.05 0.60
N GLN D 192 -38.27 -8.64 0.65
CA GLN D 192 -39.46 -7.85 0.91
C GLN D 192 -39.38 -7.23 2.30
N LEU D 193 -38.98 -8.01 3.30
CA LEU D 193 -38.86 -7.50 4.65
C LEU D 193 -37.84 -6.38 4.72
N ALA D 194 -36.68 -6.57 4.08
CA ALA D 194 -35.64 -5.56 4.12
C ALA D 194 -36.09 -4.28 3.43
N LYS D 195 -36.73 -4.42 2.27
CA LYS D 195 -37.24 -3.23 1.57
C LYS D 195 -38.25 -2.50 2.43
N GLN D 196 -39.17 -3.23 3.06
CA GLN D 196 -40.17 -2.59 3.91
C GLN D 196 -39.51 -1.85 5.05
N ALA D 197 -38.54 -2.49 5.71
CA ALA D 197 -37.87 -1.85 6.83
C ALA D 197 -37.14 -0.59 6.40
N PHE D 198 -36.46 -0.66 5.26
CA PHE D 198 -35.72 0.51 4.77
C PHE D 198 -36.67 1.63 4.37
N ASP D 199 -37.79 1.28 3.73
CA ASP D 199 -38.76 2.30 3.34
C ASP D 199 -39.36 2.98 4.56
N ASP D 200 -39.66 2.20 5.60
CA ASP D 200 -40.15 2.78 6.84
C ASP D 200 -39.10 3.69 7.46
N ALA D 201 -37.83 3.28 7.43
CA ALA D 201 -36.77 4.10 7.97
C ALA D 201 -36.65 5.42 7.21
N ILE D 202 -36.74 5.38 5.89
CA ILE D 202 -36.69 6.61 5.11
C ILE D 202 -37.89 7.49 5.39
N ALA D 203 -39.09 6.90 5.45
CA ALA D 203 -40.29 7.68 5.69
C ALA D 203 -40.31 8.34 7.06
N GLU D 204 -39.59 7.77 8.04
CA GLU D 204 -39.46 8.35 9.37
C GLU D 204 -37.99 8.67 9.56
N LEU D 205 -37.58 9.83 9.07
CA LEU D 205 -36.18 10.22 9.06
C LEU D 205 -36.06 11.63 9.58
N ASP D 206 -34.82 12.02 9.91
CA ASP D 206 -34.52 13.36 10.41
C ASP D 206 -35.26 13.66 11.71
N THR D 207 -35.56 12.64 12.50
CA THR D 207 -36.10 12.81 13.83
C THR D 207 -35.27 12.14 14.91
N LEU D 208 -34.08 11.64 14.56
CA LEU D 208 -33.26 10.91 15.49
C LEU D 208 -32.52 11.86 16.44
N ASN D 209 -31.98 11.29 17.52
CA ASN D 209 -31.16 12.06 18.43
C ASN D 209 -29.79 12.34 17.81
N GLU D 210 -29.02 13.21 18.46
CA GLU D 210 -27.71 13.54 17.97
C GLU D 210 -26.78 12.32 17.99
N ASP D 211 -26.87 11.51 19.04
CA ASP D 211 -26.05 10.31 19.11
C ASP D 211 -26.47 9.29 18.07
N SER D 212 -27.76 9.23 17.75
CA SER D 212 -28.28 8.23 16.82
C SER D 212 -28.16 8.69 15.38
N TYR D 213 -26.98 9.13 14.97
CA TYR D 213 -26.75 9.58 13.60
C TYR D 213 -25.65 8.82 12.90
N LYS D 214 -25.03 7.85 13.56
CA LYS D 214 -23.99 7.03 12.96
C LYS D 214 -24.41 5.57 12.88
N ASP D 215 -24.89 5.00 13.97
CA ASP D 215 -25.35 3.62 13.96
C ASP D 215 -26.54 3.45 13.02
N SER D 216 -27.52 4.35 13.10
CA SER D 216 -28.69 4.24 12.25
C SER D 216 -28.31 4.33 10.78
N THR D 217 -27.46 5.31 10.44
CA THR D 217 -27.01 5.46 9.08
C THR D 217 -26.22 4.24 8.63
N LEU D 218 -25.37 3.71 9.50
CA LEU D 218 -24.61 2.52 9.14
C LEU D 218 -25.52 1.34 8.87
N ILE D 219 -26.54 1.14 9.71
CA ILE D 219 -27.45 0.03 9.51
C ILE D 219 -28.22 0.19 8.21
N MET D 220 -28.69 1.40 7.93
CA MET D 220 -29.39 1.64 6.68
C MET D 220 -28.48 1.42 5.48
N GLN D 221 -27.22 1.82 5.58
CA GLN D 221 -26.27 1.60 4.50
C GLN D 221 -26.06 0.11 4.28
N LEU D 222 -25.91 -0.65 5.36
CA LEU D 222 -25.79 -2.10 5.22
C LEU D 222 -27.05 -2.71 4.63
N LEU D 223 -28.21 -2.16 4.97
CA LEU D 223 -29.46 -2.63 4.37
C LEU D 223 -29.46 -2.41 2.87
N ARG D 224 -29.05 -1.22 2.42
CA ARG D 224 -28.96 -0.96 0.99
C ARG D 224 -27.96 -1.91 0.34
N ASP D 225 -26.86 -2.20 1.03
CA ASP D 225 -25.87 -3.12 0.47
C ASP D 225 -26.46 -4.51 0.28
N ASN D 226 -27.20 -4.99 1.27
CA ASN D 226 -27.83 -6.30 1.15
C ASN D 226 -28.89 -6.31 0.06
N LEU D 227 -29.66 -5.22 -0.04
CA LEU D 227 -30.64 -5.12 -1.11
C LEU D 227 -29.95 -5.19 -2.47
N THR D 228 -28.83 -4.48 -2.62
CA THR D 228 -28.09 -4.50 -3.88
C THR D 228 -27.55 -5.90 -4.16
N LEU D 229 -27.06 -6.59 -3.14
CA LEU D 229 -26.53 -7.94 -3.34
C LEU D 229 -27.63 -8.91 -3.75
N TRP D 230 -28.79 -8.80 -3.13
CA TRP D 230 -29.85 -9.78 -3.38
C TRP D 230 -30.64 -9.49 -4.64
N THR D 231 -30.68 -8.24 -5.09
CA THR D 231 -31.32 -7.95 -6.36
C THR D 231 -30.63 -8.69 -7.50
N SER D 232 -29.31 -8.72 -7.49
CA SER D 232 -28.55 -9.44 -8.50
C SER D 232 -28.35 -10.90 -8.10
#